data_9CSY
#
_entry.id   9CSY
#
_cell.length_a   64.866
_cell.length_b   99.662
_cell.length_c   188.682
_cell.angle_alpha   90.00
_cell.angle_beta   90.00
_cell.angle_gamma   90.00
#
_symmetry.space_group_name_H-M   'P 21 21 21'
#
loop_
_entity.id
_entity.type
_entity.pdbx_description
1 polymer 'Papain-like protease'
2 non-polymer 2-methyl-5-(4-methylpiperazin-1-yl)-N-{1-[(2P)-2-(1-methyl-1H-pyrazol-4-yl)quinolin-4-yl]cyclopropyl}benzamide
3 non-polymer 'trifluoroacetic acid'
4 non-polymer 'ZINC ION'
5 water water
#
_entity_poly.entity_id   1
_entity_poly.type   'polypeptide(L)'
_entity_poly.pdbx_seq_one_letter_code
;SNAEVRTIKVFTTVDNINLHTQVVDMSMTYGQQFGPTYLDGADVTKIKPHNSHEGKTFYVLPNDDTLRVEAFEYYHTTDP
SFLGRYMSALNHTKKWKYPQVNGLTSIKWADNNSYLATALLTLQQIELKFNPPALQDAYYRARAGEAANFCALILAYCNK
TVGELGDVRETMSYLFQHANLDSCKRVLNVVCKTCGQQQTTLKGVEAVMYMGTLSYEQFKKGVQIPCTCGKQATKYLVQQ
ESPFVMMSAPPAQYELKHGTFTCASEYTGNYQCGHYKHITSKETLYCIDGALLTKSSEYKGPITDVFYKENSYTTTIK
;
_entity_poly.pdbx_strand_id   A,B,C
#
# COMPACT_ATOMS: atom_id res chain seq x y z
N ARG A 6 34.63 -4.92 28.69
CA ARG A 6 33.62 -5.51 27.78
C ARG A 6 33.17 -4.54 26.64
N THR A 7 33.83 -4.61 25.45
CA THR A 7 33.57 -3.75 24.29
C THR A 7 33.24 -4.48 22.96
N ILE A 8 32.65 -3.74 21.98
CA ILE A 8 32.43 -4.15 20.59
C ILE A 8 32.95 -3.04 19.65
N LYS A 9 33.20 -3.36 18.38
CA LYS A 9 33.67 -2.38 17.41
C LYS A 9 32.55 -2.20 16.39
N VAL A 10 32.12 -0.96 16.21
CA VAL A 10 31.06 -0.61 15.27
C VAL A 10 31.57 0.53 14.35
N PHE A 11 30.76 0.97 13.36
CA PHE A 11 31.11 2.09 12.51
C PHE A 11 30.14 3.23 12.81
N THR A 12 30.64 4.47 12.92
CA THR A 12 29.75 5.62 13.07
C THR A 12 29.89 6.51 11.85
N THR A 13 28.81 7.23 11.52
CA THR A 13 28.80 8.14 10.40
C THR A 13 27.94 9.35 10.71
N VAL A 14 28.38 10.48 10.23
CA VAL A 14 27.65 11.74 10.36
C VAL A 14 27.17 12.23 8.97
N ASP A 15 27.62 11.61 7.85
CA ASP A 15 27.29 12.04 6.49
C ASP A 15 26.88 10.93 5.53
N ASN A 16 26.79 9.68 6.01
CA ASN A 16 26.41 8.52 5.20
C ASN A 16 27.42 8.20 4.06
N ILE A 17 28.63 8.79 4.12
CA ILE A 17 29.69 8.59 3.12
C ILE A 17 30.97 8.13 3.83
N ASN A 18 31.29 8.76 4.95
CA ASN A 18 32.51 8.43 5.69
C ASN A 18 32.18 7.71 6.98
N LEU A 19 32.81 6.55 7.17
CA LEU A 19 32.64 5.66 8.32
C LEU A 19 33.91 5.73 9.20
N HIS A 20 33.73 5.67 10.52
CA HIS A 20 34.82 5.71 11.47
C HIS A 20 34.69 4.52 12.43
N THR A 21 35.69 3.62 12.54
CA THR A 21 35.57 2.49 13.49
C THR A 21 35.67 2.96 14.95
N GLN A 22 34.62 2.71 15.70
CA GLN A 22 34.49 3.10 17.09
C GLN A 22 34.49 1.91 18.00
N VAL A 23 35.25 1.97 19.10
CA VAL A 23 35.20 0.90 20.10
C VAL A 23 34.18 1.39 21.11
N VAL A 24 33.08 0.64 21.29
CA VAL A 24 32.00 1.09 22.19
C VAL A 24 31.99 0.24 23.46
N ASP A 25 31.79 0.89 24.61
CA ASP A 25 31.73 0.22 25.90
C ASP A 25 30.30 -0.30 26.06
N MET A 26 30.16 -1.60 26.34
CA MET A 26 28.85 -2.23 26.44
C MET A 26 28.08 -1.91 27.71
N SER A 27 28.73 -1.30 28.71
CA SER A 27 28.03 -0.94 29.96
C SER A 27 27.35 0.44 29.92
N MET A 28 27.54 1.20 28.83
CA MET A 28 26.94 2.52 28.69
C MET A 28 26.08 2.54 27.44
N THR A 29 25.02 3.37 27.41
CA THR A 29 24.17 3.50 26.23
C THR A 29 24.89 4.25 25.11
N TYR A 30 24.39 4.17 23.88
CA TYR A 30 24.96 4.89 22.76
C TYR A 30 24.94 6.41 22.99
N GLY A 31 23.88 6.88 23.62
CA GLY A 31 23.69 8.28 23.94
C GLY A 31 24.75 8.89 24.82
N GLN A 32 25.21 8.15 25.85
CA GLN A 32 26.23 8.70 26.73
C GLN A 32 27.66 8.63 26.11
N GLN A 33 27.83 7.92 24.99
CA GLN A 33 29.11 7.83 24.32
C GLN A 33 29.17 8.68 23.04
N PHE A 34 28.06 8.79 22.29
CA PHE A 34 28.04 9.52 21.01
C PHE A 34 26.98 10.60 20.87
N GLY A 35 26.06 10.68 21.82
CA GLY A 35 24.92 11.58 21.69
C GLY A 35 23.81 10.85 20.94
N PRO A 36 22.92 11.56 20.24
CA PRO A 36 21.83 10.87 19.53
C PRO A 36 22.34 9.90 18.45
N THR A 37 22.19 8.59 18.69
CA THR A 37 22.66 7.52 17.80
C THR A 37 21.47 6.75 17.22
N TYR A 38 21.55 6.37 15.95
CA TYR A 38 20.46 5.67 15.27
C TYR A 38 20.98 4.48 14.45
N LEU A 39 20.21 3.38 14.39
CA LEU A 39 20.60 2.18 13.64
C LEU A 39 19.45 1.62 12.79
N ASP A 40 19.65 1.55 11.47
CA ASP A 40 18.71 0.97 10.52
C ASP A 40 17.27 1.43 10.66
N GLY A 41 17.08 2.68 11.04
CA GLY A 41 15.74 3.25 11.17
C GLY A 41 15.15 3.25 12.55
N ALA A 42 15.97 2.91 13.57
CA ALA A 42 15.59 2.88 14.99
C ALA A 42 16.47 3.84 15.81
N ASP A 43 15.93 4.39 16.90
CA ASP A 43 16.68 5.29 17.77
C ASP A 43 17.35 4.43 18.84
N VAL A 44 18.69 4.32 18.79
CA VAL A 44 19.40 3.51 19.79
C VAL A 44 20.08 4.36 20.88
N THR A 45 19.70 5.64 21.00
CA THR A 45 20.24 6.59 21.98
C THR A 45 20.19 6.08 23.41
N LYS A 46 19.01 5.63 23.89
CA LYS A 46 18.86 5.15 25.26
C LYS A 46 19.08 3.62 25.43
N ILE A 47 19.68 2.98 24.43
CA ILE A 47 19.92 1.53 24.37
C ILE A 47 21.39 1.19 24.61
N LYS A 48 21.67 0.12 25.37
CA LYS A 48 23.04 -0.32 25.58
C LYS A 48 23.44 -1.25 24.41
N PRO A 49 24.73 -1.27 24.04
CA PRO A 49 25.15 -2.10 22.90
C PRO A 49 24.89 -3.60 23.03
N HIS A 50 24.38 -4.20 21.95
CA HIS A 50 24.12 -5.64 21.87
C HIS A 50 25.32 -6.29 21.15
N ASN A 51 25.55 -7.58 21.38
CA ASN A 51 26.66 -8.28 20.72
C ASN A 51 26.48 -8.26 19.19
N SER A 52 25.21 -8.34 18.73
CA SER A 52 24.85 -8.31 17.30
C SER A 52 25.21 -7.03 16.59
N HIS A 53 25.36 -5.94 17.35
CA HIS A 53 25.71 -4.62 16.80
C HIS A 53 27.11 -4.54 16.22
N GLU A 54 27.99 -5.52 16.52
CA GLU A 54 29.35 -5.50 16.01
C GLU A 54 29.40 -5.42 14.49
N GLY A 55 30.21 -4.50 13.98
CA GLY A 55 30.37 -4.30 12.54
C GLY A 55 29.28 -3.51 11.86
N LYS A 56 28.22 -3.12 12.61
CA LYS A 56 27.11 -2.35 12.03
C LYS A 56 27.44 -0.86 11.95
N THR A 57 26.75 -0.13 11.05
CA THR A 57 26.96 1.30 10.86
C THR A 57 25.81 2.06 11.51
N PHE A 58 26.18 2.98 12.43
CA PHE A 58 25.30 3.82 13.22
C PHE A 58 25.38 5.25 12.71
N TYR A 59 24.22 5.96 12.62
CA TYR A 59 24.22 7.34 12.21
C TYR A 59 24.15 8.20 13.45
N VAL A 60 25.07 9.15 13.58
CA VAL A 60 25.07 10.05 14.73
C VAL A 60 24.55 11.42 14.29
N LEU A 61 23.57 11.96 15.02
CA LEU A 61 22.96 13.23 14.67
C LEU A 61 22.70 14.04 15.90
N PRO A 62 23.65 14.92 16.28
CA PRO A 62 23.48 15.75 17.48
C PRO A 62 22.25 16.64 17.47
N ASN A 63 21.67 16.84 18.66
CA ASN A 63 20.45 17.64 18.85
C ASN A 63 20.65 19.12 18.53
N ASP A 64 19.93 19.59 17.51
CA ASP A 64 19.94 20.98 17.07
C ASP A 64 18.46 21.40 16.86
N ASP A 65 18.04 22.54 17.47
CA ASP A 65 16.67 23.01 17.36
C ASP A 65 16.28 23.35 15.93
N THR A 66 17.23 23.87 15.13
CA THR A 66 17.00 24.22 13.72
C THR A 66 16.69 22.97 12.88
N LEU A 67 17.28 21.81 13.25
CA LEU A 67 17.02 20.55 12.57
C LEU A 67 15.57 20.10 12.79
N ARG A 68 15.08 20.22 14.03
CA ARG A 68 13.72 19.85 14.37
C ARG A 68 12.67 20.69 13.63
N VAL A 69 12.92 22.00 13.51
CA VAL A 69 12.03 22.89 12.79
C VAL A 69 12.10 22.62 11.29
N GLU A 70 13.31 22.36 10.76
CA GLU A 70 13.48 22.05 9.34
C GLU A 70 12.73 20.74 9.00
N ALA A 71 12.71 19.78 9.94
CA ALA A 71 12.01 18.52 9.72
C ALA A 71 10.49 18.72 9.63
N PHE A 72 9.93 19.66 10.39
CA PHE A 72 8.50 19.93 10.32
C PHE A 72 8.16 20.55 8.97
N GLU A 73 8.95 21.54 8.53
CA GLU A 73 8.72 22.24 7.24
C GLU A 73 8.92 21.34 6.03
N TYR A 74 9.99 20.55 6.01
CA TYR A 74 10.30 19.71 4.87
C TYR A 74 9.66 18.30 4.92
N TYR A 75 9.66 17.64 6.08
CA TYR A 75 9.13 16.28 6.19
C TYR A 75 7.72 16.19 6.78
N HIS A 76 7.21 17.28 7.38
CA HIS A 76 5.88 17.29 7.95
C HIS A 76 5.73 16.34 9.12
N THR A 77 6.71 16.35 10.00
CA THR A 77 6.74 15.50 11.17
C THR A 77 7.10 16.28 12.41
N THR A 78 6.59 15.85 13.54
CA THR A 78 6.94 16.48 14.82
C THR A 78 7.74 15.52 15.73
N ASP A 79 8.12 14.32 15.23
CA ASP A 79 8.87 13.34 15.99
C ASP A 79 10.32 13.74 15.93
N PRO A 80 10.92 14.08 17.08
CA PRO A 80 12.34 14.49 17.08
C PRO A 80 13.34 13.41 16.66
N SER A 81 12.89 12.16 16.53
CA SER A 81 13.78 11.08 16.08
C SER A 81 13.69 10.81 14.56
N PHE A 82 12.79 11.51 13.85
CA PHE A 82 12.56 11.30 12.43
C PHE A 82 13.80 11.37 11.58
N LEU A 83 14.53 12.49 11.65
CA LEU A 83 15.74 12.70 10.84
C LEU A 83 16.77 11.59 11.05
N GLY A 84 17.03 11.23 12.30
CA GLY A 84 18.00 10.20 12.61
C GLY A 84 17.57 8.82 12.18
N ARG A 85 16.27 8.51 12.31
CA ARG A 85 15.74 7.24 11.87
C ARG A 85 15.77 7.15 10.34
N TYR A 86 15.49 8.26 9.65
CA TYR A 86 15.52 8.33 8.21
C TYR A 86 16.96 8.17 7.73
N MET A 87 17.91 8.96 8.27
CA MET A 87 19.31 8.90 7.89
C MET A 87 19.95 7.55 8.14
N SER A 88 19.66 6.93 9.29
CA SER A 88 20.19 5.61 9.58
C SER A 88 19.60 4.54 8.63
N ALA A 89 18.29 4.61 8.29
CA ALA A 89 17.70 3.67 7.32
C ALA A 89 18.31 3.90 5.93
N LEU A 90 18.55 5.18 5.55
CA LEU A 90 19.15 5.56 4.29
C LEU A 90 20.52 4.97 4.10
N ASN A 91 21.30 4.82 5.18
CA ASN A 91 22.62 4.19 5.10
C ASN A 91 22.51 2.78 4.51
N HIS A 92 21.47 2.06 4.91
CA HIS A 92 21.22 0.70 4.46
C HIS A 92 20.55 0.67 3.08
N THR A 93 19.48 1.48 2.84
CA THR A 93 18.76 1.51 1.56
C THR A 93 19.65 1.97 0.40
N LYS A 94 20.71 2.74 0.68
CA LYS A 94 21.65 3.15 -0.35
C LYS A 94 22.48 1.92 -0.85
N LYS A 95 22.65 0.88 0.00
CA LYS A 95 23.34 -0.36 -0.34
C LYS A 95 22.47 -1.32 -1.18
N TRP A 96 21.16 -1.06 -1.31
CA TRP A 96 20.27 -1.91 -2.12
C TRP A 96 20.40 -1.57 -3.61
N LYS A 97 20.03 -2.50 -4.50
CA LYS A 97 20.07 -2.24 -5.95
C LYS A 97 18.64 -1.94 -6.43
N TYR A 98 18.49 -0.95 -7.35
CA TYR A 98 17.16 -0.56 -7.82
C TYR A 98 17.01 -0.76 -9.33
N PRO A 99 16.77 -2.01 -9.79
CA PRO A 99 16.68 -2.24 -11.23
C PRO A 99 15.39 -1.73 -11.88
N GLN A 100 15.48 -1.42 -13.18
CA GLN A 100 14.30 -1.03 -13.94
C GLN A 100 13.68 -2.32 -14.47
N VAL A 101 12.64 -2.83 -13.82
CA VAL A 101 11.98 -4.04 -14.28
C VAL A 101 10.70 -3.64 -14.97
N ASN A 102 10.59 -3.89 -16.28
CA ASN A 102 9.42 -3.60 -17.10
C ASN A 102 9.06 -2.12 -17.06
N GLY A 103 10.07 -1.27 -17.17
CA GLY A 103 9.86 0.18 -17.16
C GLY A 103 9.61 0.80 -15.80
N LEU A 104 9.46 -0.02 -14.76
CA LEU A 104 9.21 0.48 -13.40
C LEU A 104 10.46 0.32 -12.53
N THR A 105 10.66 1.22 -11.55
CA THR A 105 11.78 1.11 -10.63
C THR A 105 11.42 0.10 -9.57
N SER A 106 12.24 -0.95 -9.41
CA SER A 106 11.97 -1.98 -8.42
C SER A 106 13.14 -2.07 -7.39
N ILE A 107 13.10 -3.02 -6.44
CA ILE A 107 14.20 -3.20 -5.50
C ILE A 107 14.63 -4.65 -5.57
N LYS A 108 15.93 -4.92 -5.76
CA LYS A 108 16.44 -6.28 -5.76
C LYS A 108 16.28 -6.82 -4.32
N TRP A 109 15.76 -8.07 -4.16
CA TRP A 109 15.50 -8.61 -2.82
C TRP A 109 16.71 -8.53 -1.89
N ALA A 110 16.46 -7.99 -0.69
CA ALA A 110 17.41 -7.82 0.41
C ALA A 110 16.66 -7.42 1.67
N ASP A 111 17.10 -7.91 2.82
CA ASP A 111 16.60 -7.54 4.14
C ASP A 111 15.09 -7.51 4.25
N ASN A 112 14.42 -8.50 3.68
CA ASN A 112 12.95 -8.63 3.71
C ASN A 112 12.24 -7.41 3.13
N ASN A 113 12.69 -6.88 1.99
CA ASN A 113 12.08 -5.68 1.41
C ASN A 113 11.01 -5.93 0.35
N SER A 114 10.45 -7.13 0.26
CA SER A 114 9.39 -7.48 -0.69
C SER A 114 8.22 -6.48 -0.63
N TYR A 115 7.82 -6.11 0.59
CA TYR A 115 6.73 -5.18 0.78
C TYR A 115 7.08 -3.77 0.31
N LEU A 116 8.36 -3.38 0.44
CA LEU A 116 8.83 -2.08 0.03
C LEU A 116 8.86 -2.02 -1.48
N ALA A 117 9.30 -3.10 -2.15
CA ALA A 117 9.31 -3.13 -3.60
C ALA A 117 7.87 -3.10 -4.15
N THR A 118 6.96 -3.87 -3.57
CA THR A 118 5.56 -3.90 -4.01
C THR A 118 4.92 -2.52 -3.85
N ALA A 119 5.22 -1.83 -2.72
CA ALA A 119 4.66 -0.50 -2.51
C ALA A 119 5.26 0.48 -3.52
N LEU A 120 6.58 0.41 -3.74
CA LEU A 120 7.30 1.28 -4.67
C LEU A 120 6.78 1.10 -6.11
N LEU A 121 6.54 -0.14 -6.54
CA LEU A 121 6.03 -0.40 -7.89
C LEU A 121 4.59 0.06 -8.02
N THR A 122 3.78 -0.10 -6.98
CA THR A 122 2.39 0.35 -6.99
C THR A 122 2.35 1.87 -7.08
N LEU A 123 3.19 2.57 -6.30
CA LEU A 123 3.24 4.04 -6.28
C LEU A 123 3.53 4.65 -7.64
N GLN A 124 4.20 3.92 -8.52
CA GLN A 124 4.48 4.40 -9.87
C GLN A 124 3.32 4.22 -10.83
N GLN A 125 2.24 3.52 -10.44
CA GLN A 125 1.10 3.28 -11.30
C GLN A 125 -0.18 3.98 -10.88
N ILE A 126 -0.14 4.80 -9.82
CA ILE A 126 -1.32 5.50 -9.35
C ILE A 126 -1.07 6.99 -9.27
N GLU A 127 -2.10 7.80 -9.63
CA GLU A 127 -2.01 9.25 -9.60
C GLU A 127 -1.97 9.71 -8.16
N LEU A 128 -0.80 10.21 -7.72
CA LEU A 128 -0.60 10.62 -6.34
C LEU A 128 0.34 11.81 -6.25
N LYS A 129 0.05 12.72 -5.32
CA LYS A 129 0.90 13.86 -5.06
C LYS A 129 1.09 13.93 -3.55
N PHE A 130 2.34 13.92 -3.06
CA PHE A 130 2.66 13.99 -1.63
C PHE A 130 2.74 15.43 -1.13
N ASN A 131 2.25 15.68 0.08
CA ASN A 131 2.30 16.99 0.69
C ASN A 131 3.68 17.35 1.26
N PRO A 132 4.41 16.47 2.02
CA PRO A 132 5.72 16.91 2.53
C PRO A 132 6.68 17.17 1.37
N PRO A 133 7.27 18.38 1.31
CA PRO A 133 8.14 18.72 0.19
C PRO A 133 9.27 17.72 -0.06
N ALA A 134 9.94 17.27 1.01
CA ALA A 134 11.04 16.32 0.85
C ALA A 134 10.59 14.92 0.43
N LEU A 135 9.35 14.54 0.76
CA LEU A 135 8.76 13.25 0.37
C LEU A 135 8.38 13.31 -1.11
N GLN A 136 7.84 14.44 -1.58
CA GLN A 136 7.49 14.59 -2.99
C GLN A 136 8.75 14.65 -3.85
N ASP A 137 9.84 15.27 -3.35
CA ASP A 137 11.09 15.30 -4.10
C ASP A 137 11.66 13.90 -4.20
N ALA A 138 11.62 13.13 -3.10
CA ALA A 138 12.10 11.76 -3.10
C ALA A 138 11.26 10.89 -4.03
N TYR A 139 9.96 11.14 -4.12
CA TYR A 139 9.04 10.41 -4.99
C TYR A 139 9.42 10.67 -6.45
N TYR A 140 9.71 11.93 -6.83
CA TYR A 140 10.11 12.27 -8.20
C TYR A 140 11.42 11.57 -8.56
N ARG A 141 12.38 11.56 -7.62
CA ARG A 141 13.66 10.92 -7.87
C ARG A 141 13.51 9.39 -7.97
N ALA A 142 12.61 8.79 -7.16
CA ALA A 142 12.38 7.34 -7.19
C ALA A 142 11.81 6.91 -8.54
N ARG A 143 10.85 7.67 -9.09
CA ARG A 143 10.25 7.38 -10.40
C ARG A 143 11.30 7.41 -11.51
N ALA A 144 12.36 8.21 -11.34
CA ALA A 144 13.47 8.34 -12.28
C ALA A 144 14.60 7.30 -12.07
N GLY A 145 14.47 6.44 -11.07
CA GLY A 145 15.48 5.41 -10.82
C GLY A 145 16.18 5.48 -9.48
N GLU A 146 16.49 6.69 -8.98
CA GLU A 146 17.20 6.85 -7.70
C GLU A 146 16.19 6.79 -6.54
N ALA A 147 15.87 5.58 -6.07
CA ALA A 147 14.81 5.37 -5.07
C ALA A 147 15.26 5.10 -3.65
N ALA A 148 16.56 5.15 -3.37
CA ALA A 148 17.05 4.87 -2.03
C ALA A 148 16.51 5.83 -0.96
N ASN A 149 16.44 7.15 -1.28
CA ASN A 149 15.91 8.14 -0.33
C ASN A 149 14.42 7.93 -0.09
N PHE A 150 13.67 7.61 -1.15
CA PHE A 150 12.22 7.36 -1.02
C PHE A 150 11.96 6.18 -0.11
N CYS A 151 12.79 5.12 -0.25
CA CYS A 151 12.67 3.91 0.55
C CYS A 151 12.97 4.15 2.01
N ALA A 152 14.00 4.97 2.30
CA ALA A 152 14.35 5.34 3.67
C ALA A 152 13.24 6.18 4.30
N LEU A 153 12.58 7.04 3.51
CA LEU A 153 11.49 7.86 3.98
C LEU A 153 10.27 6.98 4.22
N ILE A 154 10.01 5.96 3.37
CA ILE A 154 8.86 5.06 3.60
C ILE A 154 9.03 4.34 4.95
N LEU A 155 10.23 3.86 5.24
CA LEU A 155 10.55 3.20 6.50
C LEU A 155 10.36 4.17 7.67
N ALA A 156 10.84 5.42 7.50
CA ALA A 156 10.73 6.46 8.53
C ALA A 156 9.28 6.85 8.83
N TYR A 157 8.44 7.10 7.81
CA TYR A 157 7.04 7.45 8.01
C TYR A 157 6.23 6.28 8.57
N CYS A 158 6.63 5.03 8.26
CA CYS A 158 5.95 3.87 8.80
C CYS A 158 6.47 3.42 10.16
N ASN A 159 7.54 4.05 10.69
CA ASN A 159 8.16 3.66 11.96
C ASN A 159 8.67 2.23 11.91
N LYS A 160 9.24 1.84 10.76
CA LYS A 160 9.77 0.52 10.54
C LYS A 160 11.30 0.55 10.49
N THR A 161 11.92 -0.61 10.72
CA THR A 161 13.38 -0.71 10.65
C THR A 161 13.78 -1.61 9.46
N VAL A 162 15.03 -1.46 8.98
CA VAL A 162 15.52 -2.26 7.87
C VAL A 162 15.65 -3.69 8.34
N GLY A 163 15.01 -4.61 7.62
CA GLY A 163 15.03 -6.02 7.96
C GLY A 163 13.71 -6.51 8.54
N GLU A 164 12.94 -5.60 9.12
CA GLU A 164 11.65 -5.91 9.70
C GLU A 164 10.63 -6.04 8.55
N LEU A 165 9.84 -7.15 8.53
CA LEU A 165 8.82 -7.37 7.49
C LEU A 165 7.71 -6.36 7.65
N GLY A 166 7.06 -6.04 6.55
CA GLY A 166 5.97 -5.08 6.58
C GLY A 166 4.79 -5.49 5.73
N ASP A 167 3.68 -4.81 5.95
CA ASP A 167 2.43 -5.04 5.26
C ASP A 167 2.30 -3.94 4.21
N VAL A 168 1.98 -4.31 2.98
CA VAL A 168 1.83 -3.33 1.90
C VAL A 168 0.63 -2.41 2.18
N ARG A 169 -0.51 -2.97 2.60
CA ARG A 169 -1.69 -2.18 2.90
C ARG A 169 -1.43 -1.17 4.01
N GLU A 170 -0.75 -1.60 5.10
CA GLU A 170 -0.40 -0.67 6.19
C GLU A 170 0.55 0.39 5.71
N THR A 171 1.52 0.03 4.87
CA THR A 171 2.48 0.97 4.29
C THR A 171 1.75 2.00 3.45
N MET A 172 0.82 1.55 2.57
CA MET A 172 0.01 2.43 1.75
C MET A 172 -0.82 3.36 2.63
N SER A 173 -1.48 2.83 3.66
CA SER A 173 -2.26 3.63 4.62
C SER A 173 -1.45 4.77 5.22
N TYR A 174 -0.21 4.49 5.66
CA TYR A 174 0.68 5.50 6.23
C TYR A 174 1.06 6.55 5.19
N LEU A 175 1.42 6.12 3.96
CA LEU A 175 1.86 7.02 2.90
C LEU A 175 0.73 7.89 2.39
N PHE A 176 -0.49 7.36 2.34
CA PHE A 176 -1.67 8.11 1.88
C PHE A 176 -2.02 9.23 2.84
N GLN A 177 -1.66 9.11 4.14
CA GLN A 177 -1.87 10.19 5.12
C GLN A 177 -0.98 11.42 4.81
N HIS A 178 0.05 11.23 3.98
CA HIS A 178 0.96 12.25 3.48
C HIS A 178 0.71 12.61 2.01
N ALA A 179 -0.38 12.15 1.41
CA ALA A 179 -0.75 12.48 0.06
C ALA A 179 -1.94 13.42 0.09
N ASN A 180 -2.10 14.20 -0.98
CA ASN A 180 -3.23 15.12 -1.09
C ASN A 180 -4.43 14.35 -1.60
N LEU A 181 -5.29 13.90 -0.70
CA LEU A 181 -6.47 13.14 -1.07
C LEU A 181 -7.76 13.83 -0.60
N ASP A 182 -7.73 15.15 -0.35
CA ASP A 182 -8.91 15.88 0.12
C ASP A 182 -10.05 15.80 -0.88
N SER A 183 -9.72 15.89 -2.18
CA SER A 183 -10.75 15.81 -3.22
C SER A 183 -11.35 14.40 -3.37
N CYS A 184 -10.78 13.37 -2.70
CA CYS A 184 -11.32 12.02 -2.78
C CYS A 184 -12.55 11.87 -1.89
N LYS A 185 -13.62 11.29 -2.47
CA LYS A 185 -14.90 11.13 -1.81
C LYS A 185 -15.48 9.75 -2.07
N ARG A 186 -16.09 9.14 -1.05
CA ARG A 186 -16.74 7.85 -1.19
C ARG A 186 -18.06 7.91 -0.47
N VAL A 187 -19.15 7.51 -1.11
CA VAL A 187 -20.45 7.48 -0.46
C VAL A 187 -20.91 6.03 -0.44
N LEU A 188 -21.22 5.51 0.75
CA LEU A 188 -21.61 4.11 0.92
C LEU A 188 -23.00 4.02 1.52
N ASN A 189 -23.75 2.98 1.17
CA ASN A 189 -25.06 2.75 1.77
C ASN A 189 -25.05 1.35 2.38
N VAL A 190 -25.52 1.21 3.62
CA VAL A 190 -25.56 -0.08 4.29
C VAL A 190 -27.01 -0.44 4.61
N VAL A 191 -27.46 -1.61 4.15
CA VAL A 191 -28.85 -2.05 4.32
C VAL A 191 -29.03 -3.30 5.21
N CYS A 192 -29.74 -3.14 6.34
CA CYS A 192 -30.06 -4.22 7.29
C CYS A 192 -31.59 -4.34 7.33
N LYS A 193 -32.13 -5.57 7.20
CA LYS A 193 -33.59 -5.79 7.21
C LYS A 193 -34.28 -5.31 8.49
N THR A 194 -33.56 -5.26 9.61
CA THR A 194 -34.15 -4.82 10.87
C THR A 194 -33.62 -3.46 11.36
N CYS A 195 -32.65 -2.86 10.67
CA CYS A 195 -32.10 -1.56 11.06
C CYS A 195 -32.44 -0.44 10.08
N GLY A 196 -32.52 -0.79 8.80
CA GLY A 196 -32.84 0.17 7.74
C GLY A 196 -31.67 0.44 6.83
N GLN A 197 -31.64 1.65 6.26
CA GLN A 197 -30.56 2.09 5.39
C GLN A 197 -29.77 3.20 6.06
N GLN A 198 -28.44 3.10 6.04
CA GLN A 198 -27.58 4.11 6.63
C GLN A 198 -26.51 4.54 5.63
N GLN A 199 -26.59 5.80 5.19
CA GLN A 199 -25.61 6.32 4.24
C GLN A 199 -24.45 6.98 4.97
N THR A 200 -23.24 6.65 4.55
CA THR A 200 -22.01 7.16 5.15
C THR A 200 -21.18 7.86 4.09
N THR A 201 -20.55 8.98 4.44
CA THR A 201 -19.69 9.68 3.52
C THR A 201 -18.27 9.74 4.05
N LEU A 202 -17.34 9.12 3.32
CA LEU A 202 -15.94 9.03 3.67
C LEU A 202 -15.10 9.93 2.79
N LYS A 203 -14.12 10.59 3.37
CA LYS A 203 -13.23 11.46 2.62
C LYS A 203 -11.77 11.04 2.88
N GLY A 204 -10.87 11.49 2.03
CA GLY A 204 -9.44 11.22 2.20
C GLY A 204 -9.03 9.79 2.01
N VAL A 205 -8.23 9.24 2.95
CA VAL A 205 -7.71 7.88 2.87
C VAL A 205 -8.82 6.85 3.00
N GLU A 206 -9.83 7.13 3.83
CA GLU A 206 -10.97 6.22 3.99
C GLU A 206 -11.80 6.09 2.71
N ALA A 207 -11.70 7.04 1.77
CA ALA A 207 -12.43 7.00 0.51
C ALA A 207 -11.73 6.14 -0.55
N VAL A 208 -10.43 5.85 -0.41
CA VAL A 208 -9.72 5.06 -1.43
C VAL A 208 -9.34 3.64 -0.97
N MET A 209 -9.43 3.33 0.33
CA MET A 209 -9.07 2.01 0.81
C MET A 209 -10.25 1.28 1.39
N TYR A 210 -10.35 -0.02 1.11
CA TYR A 210 -11.38 -0.89 1.67
C TYR A 210 -10.77 -2.23 2.08
N MET A 211 -11.18 -2.77 3.24
CA MET A 211 -10.70 -4.06 3.72
C MET A 211 -11.88 -5.00 3.86
N GLY A 212 -11.88 -6.08 3.09
CA GLY A 212 -12.96 -7.04 3.15
C GLY A 212 -13.14 -7.80 1.87
N THR A 213 -12.88 -7.15 0.72
CA THR A 213 -13.00 -7.80 -0.57
C THR A 213 -11.98 -7.25 -1.57
N LEU A 214 -11.50 -8.12 -2.48
CA LEU A 214 -10.56 -7.74 -3.54
C LEU A 214 -11.29 -7.20 -4.77
N SER A 215 -12.58 -7.54 -4.92
CA SER A 215 -13.35 -7.13 -6.09
C SER A 215 -14.04 -5.80 -5.96
N TYR A 216 -13.71 -4.90 -6.88
CA TYR A 216 -14.35 -3.60 -6.97
C TYR A 216 -15.80 -3.79 -7.49
N GLU A 217 -16.03 -4.80 -8.36
CA GLU A 217 -17.37 -5.10 -8.86
C GLU A 217 -18.26 -5.63 -7.73
N GLN A 218 -17.71 -6.46 -6.82
CA GLN A 218 -18.49 -6.97 -5.69
C GLN A 218 -18.86 -5.85 -4.71
N PHE A 219 -17.99 -4.84 -4.59
CA PHE A 219 -18.22 -3.68 -3.75
C PHE A 219 -19.35 -2.83 -4.32
N LYS A 220 -19.42 -2.71 -5.66
CA LYS A 220 -20.44 -1.94 -6.37
C LYS A 220 -21.81 -2.62 -6.29
N LYS A 221 -21.82 -3.96 -6.36
CA LYS A 221 -23.04 -4.76 -6.31
C LYS A 221 -23.59 -4.87 -4.87
N GLY A 222 -22.70 -5.06 -3.93
CA GLY A 222 -23.07 -5.21 -2.54
C GLY A 222 -22.31 -6.34 -1.88
N VAL A 223 -21.77 -6.05 -0.68
CA VAL A 223 -20.98 -7.02 0.05
C VAL A 223 -21.61 -7.29 1.42
N GLN A 224 -21.54 -8.54 1.89
CA GLN A 224 -22.16 -8.89 3.19
C GLN A 224 -21.24 -8.63 4.37
N ILE A 225 -21.61 -7.64 5.20
CA ILE A 225 -20.87 -7.25 6.40
C ILE A 225 -21.77 -7.44 7.64
N PRO A 226 -21.19 -7.71 8.82
CA PRO A 226 -22.04 -7.83 10.02
C PRO A 226 -22.57 -6.49 10.52
N CYS A 227 -23.83 -6.47 10.97
CA CYS A 227 -24.46 -5.26 11.47
C CYS A 227 -24.40 -5.20 13.01
N THR A 228 -24.46 -3.99 13.58
CA THR A 228 -24.42 -3.80 15.03
C THR A 228 -25.63 -4.44 15.76
N CYS A 229 -26.70 -4.78 15.03
CA CYS A 229 -27.86 -5.44 15.62
C CYS A 229 -27.60 -6.95 15.82
N GLY A 230 -26.68 -7.52 15.03
CA GLY A 230 -26.40 -8.95 15.04
C GLY A 230 -26.66 -9.56 13.67
N LYS A 231 -27.70 -9.08 12.97
CA LYS A 231 -28.02 -9.59 11.64
C LYS A 231 -26.95 -9.20 10.58
N GLN A 232 -27.06 -9.74 9.35
CA GLN A 232 -26.13 -9.40 8.27
C GLN A 232 -26.68 -8.21 7.49
N ALA A 233 -25.80 -7.32 7.07
CA ALA A 233 -26.17 -6.15 6.29
C ALA A 233 -25.44 -6.15 4.94
N THR A 234 -25.91 -5.36 3.99
CA THR A 234 -25.28 -5.28 2.67
C THR A 234 -24.71 -3.88 2.47
N LYS A 235 -23.39 -3.77 2.35
CA LYS A 235 -22.75 -2.48 2.12
C LYS A 235 -22.45 -2.37 0.62
N TYR A 236 -22.79 -1.26 -0.03
CA TYR A 236 -22.50 -1.10 -1.45
C TYR A 236 -22.03 0.30 -1.81
N LEU A 237 -21.23 0.40 -2.87
CA LEU A 237 -20.71 1.68 -3.31
C LEU A 237 -21.76 2.54 -4.06
N VAL A 238 -22.10 3.69 -3.47
CA VAL A 238 -23.06 4.63 -4.03
C VAL A 238 -22.36 5.65 -4.96
N GLN A 239 -21.30 6.30 -4.49
CA GLN A 239 -20.55 7.24 -5.31
C GLN A 239 -19.06 7.17 -5.02
N GLN A 240 -18.22 7.34 -6.05
CA GLN A 240 -16.78 7.33 -5.87
C GLN A 240 -16.14 8.43 -6.68
N GLU A 241 -15.31 9.26 -6.05
CA GLU A 241 -14.61 10.33 -6.76
C GLU A 241 -13.17 10.38 -6.31
N SER A 242 -12.36 9.54 -6.94
CA SER A 242 -10.93 9.39 -6.65
C SER A 242 -10.19 8.94 -7.92
N PRO A 243 -8.88 9.23 -8.08
CA PRO A 243 -8.17 8.77 -9.31
C PRO A 243 -7.88 7.27 -9.36
N PHE A 244 -8.03 6.57 -8.23
CA PHE A 244 -7.81 5.13 -8.09
C PHE A 244 -8.57 4.61 -6.85
N VAL A 245 -8.71 3.29 -6.74
CA VAL A 245 -9.27 2.62 -5.57
C VAL A 245 -8.35 1.43 -5.18
N MET A 246 -8.26 1.13 -3.89
CA MET A 246 -7.46 0.03 -3.38
C MET A 246 -8.37 -0.91 -2.61
N MET A 247 -8.61 -2.10 -3.15
CA MET A 247 -9.45 -3.12 -2.53
C MET A 247 -8.53 -4.16 -1.91
N SER A 248 -8.63 -4.37 -0.60
CA SER A 248 -7.80 -5.34 0.10
C SER A 248 -8.65 -6.34 0.86
N ALA A 249 -8.03 -7.48 1.20
CA ALA A 249 -8.62 -8.58 1.97
C ALA A 249 -7.50 -9.54 2.37
N PRO A 250 -7.70 -10.40 3.39
CA PRO A 250 -6.64 -11.37 3.75
C PRO A 250 -6.30 -12.28 2.57
N PRO A 251 -5.00 -12.59 2.36
CA PRO A 251 -4.61 -13.40 1.20
C PRO A 251 -5.48 -14.63 0.90
N ALA A 252 -5.92 -14.74 -0.34
CA ALA A 252 -6.73 -15.85 -0.84
C ALA A 252 -6.56 -16.01 -2.34
N GLN A 253 -6.78 -17.24 -2.86
CA GLN A 253 -6.69 -17.53 -4.28
C GLN A 253 -7.70 -16.68 -5.03
N TYR A 254 -7.20 -15.87 -5.96
CA TYR A 254 -8.03 -14.95 -6.72
C TYR A 254 -7.56 -14.94 -8.16
N GLU A 255 -8.49 -14.80 -9.09
CA GLU A 255 -8.18 -14.80 -10.50
C GLU A 255 -8.10 -13.37 -11.03
N LEU A 256 -6.91 -12.97 -11.49
CA LEU A 256 -6.69 -11.65 -12.05
C LEU A 256 -6.82 -11.71 -13.56
N LYS A 257 -7.84 -11.06 -14.13
CA LYS A 257 -8.05 -11.04 -15.57
C LYS A 257 -7.47 -9.75 -16.15
N HIS A 258 -6.63 -9.88 -17.18
CA HIS A 258 -5.93 -8.80 -17.88
C HIS A 258 -6.88 -7.67 -18.30
N GLY A 259 -6.55 -6.43 -17.96
CA GLY A 259 -7.34 -5.27 -18.33
C GLY A 259 -8.50 -4.93 -17.40
N THR A 260 -8.69 -5.74 -16.34
CA THR A 260 -9.77 -5.51 -15.37
C THR A 260 -9.29 -4.79 -14.08
N PHE A 261 -7.98 -4.66 -13.91
CA PHE A 261 -7.35 -4.02 -12.76
C PHE A 261 -6.08 -3.26 -13.21
N THR A 262 -5.49 -2.44 -12.33
CA THR A 262 -4.27 -1.69 -12.64
C THR A 262 -3.04 -2.50 -12.24
N CYS A 263 -2.99 -2.92 -10.98
CA CYS A 263 -1.92 -3.70 -10.38
C CYS A 263 -2.43 -4.39 -9.09
N ALA A 264 -1.72 -5.43 -8.62
CA ALA A 264 -2.12 -6.17 -7.44
C ALA A 264 -0.93 -6.72 -6.64
N SER A 265 -1.17 -7.01 -5.36
CA SER A 265 -0.14 -7.54 -4.49
C SER A 265 -0.43 -8.98 -4.16
N GLU A 266 0.47 -9.90 -4.58
CA GLU A 266 0.38 -11.33 -4.31
C GLU A 266 1.23 -11.61 -3.06
N TYR A 267 0.68 -12.35 -2.10
CA TYR A 267 1.38 -12.65 -0.86
C TYR A 267 1.34 -14.13 -0.61
N THR A 268 2.49 -14.75 -0.60
CA THR A 268 2.61 -16.17 -0.45
C THR A 268 3.32 -16.50 0.87
N GLY A 269 2.72 -17.35 1.68
CA GLY A 269 3.27 -17.69 2.99
C GLY A 269 2.37 -17.30 4.13
N ASN A 270 2.74 -17.65 5.35
CA ASN A 270 1.93 -17.33 6.54
C ASN A 270 2.01 -15.85 6.92
N TYR A 271 1.14 -15.42 7.85
CA TYR A 271 1.05 -14.07 8.38
C TYR A 271 2.36 -13.68 9.00
N GLN A 272 2.95 -12.58 8.51
CA GLN A 272 4.23 -12.02 8.95
C GLN A 272 5.43 -12.90 8.63
N CYS A 273 5.28 -13.90 7.74
CA CYS A 273 6.35 -14.86 7.36
C CYS A 273 6.56 -14.96 5.85
N GLY A 274 5.59 -14.53 5.08
CA GLY A 274 5.57 -14.68 3.64
C GLY A 274 6.38 -13.69 2.84
N HIS A 275 6.15 -13.73 1.54
CA HIS A 275 6.85 -12.93 0.55
C HIS A 275 5.83 -12.29 -0.38
N TYR A 276 6.15 -11.09 -0.85
CA TYR A 276 5.30 -10.35 -1.75
C TYR A 276 5.83 -10.38 -3.19
N LYS A 277 4.91 -10.42 -4.12
CA LYS A 277 5.18 -10.29 -5.55
C LYS A 277 4.20 -9.23 -6.06
N HIS A 278 4.57 -8.53 -7.13
CA HIS A 278 3.71 -7.48 -7.69
C HIS A 278 3.19 -7.88 -9.04
N ILE A 279 1.88 -7.96 -9.23
CA ILE A 279 1.28 -8.29 -10.53
C ILE A 279 0.81 -7.00 -11.17
N THR A 280 1.15 -6.74 -12.44
CA THR A 280 0.73 -5.53 -13.12
C THR A 280 0.14 -5.85 -14.48
N SER A 281 -0.97 -5.17 -14.85
CA SER A 281 -1.62 -5.41 -16.14
C SER A 281 -1.19 -4.40 -17.20
N LYS A 282 -0.25 -4.79 -18.07
CA LYS A 282 0.22 -3.93 -19.16
C LYS A 282 -0.43 -4.52 -20.46
N GLU A 283 0.34 -4.81 -21.54
CA GLU A 283 -0.24 -5.45 -22.73
C GLU A 283 -0.61 -6.94 -22.46
N THR A 284 -0.12 -7.48 -21.32
CA THR A 284 -0.33 -8.79 -20.75
C THR A 284 0.01 -8.67 -19.23
N LEU A 285 -0.27 -9.72 -18.45
CA LEU A 285 0.04 -9.71 -17.02
C LEU A 285 1.53 -9.98 -16.75
N TYR A 286 2.15 -9.11 -15.94
CA TYR A 286 3.56 -9.26 -15.55
C TYR A 286 3.66 -9.46 -14.07
N CYS A 287 4.58 -10.32 -13.64
CA CYS A 287 4.80 -10.53 -12.21
C CYS A 287 6.21 -10.10 -11.84
N ILE A 288 6.34 -8.96 -11.17
CA ILE A 288 7.64 -8.43 -10.74
C ILE A 288 7.95 -8.90 -9.32
N ASP A 289 8.96 -9.77 -9.20
CA ASP A 289 9.41 -10.33 -7.93
C ASP A 289 10.78 -9.73 -7.61
N GLY A 290 10.78 -8.44 -7.29
CA GLY A 290 12.02 -7.73 -6.98
C GLY A 290 12.77 -7.45 -8.26
N ALA A 291 13.84 -8.19 -8.49
CA ALA A 291 14.60 -8.05 -9.73
C ALA A 291 14.20 -9.08 -10.81
N LEU A 292 13.23 -9.97 -10.53
CA LEU A 292 12.80 -11.03 -11.44
C LEU A 292 11.48 -10.70 -12.11
N LEU A 293 11.32 -11.06 -13.39
CA LEU A 293 10.12 -10.77 -14.14
C LEU A 293 9.56 -12.02 -14.83
N THR A 294 8.22 -12.22 -14.75
CA THR A 294 7.55 -13.36 -15.36
C THR A 294 6.24 -12.95 -16.07
N LYS A 295 6.19 -13.14 -17.39
CA LYS A 295 5.04 -12.83 -18.25
C LYS A 295 3.95 -13.92 -18.11
N SER A 296 2.71 -13.60 -18.49
CA SER A 296 1.61 -14.56 -18.45
C SER A 296 0.34 -13.93 -18.98
N SER A 297 -0.48 -14.70 -19.70
CA SER A 297 -1.75 -14.19 -20.23
C SER A 297 -2.84 -14.22 -19.17
N GLU A 298 -2.86 -15.27 -18.35
CA GLU A 298 -3.83 -15.41 -17.27
C GLU A 298 -3.14 -15.46 -15.88
N TYR A 299 -3.94 -15.27 -14.79
CA TYR A 299 -3.37 -15.33 -13.45
C TYR A 299 -4.33 -15.82 -12.35
N LYS A 300 -3.84 -16.73 -11.49
CA LYS A 300 -4.56 -17.16 -10.29
C LYS A 300 -3.53 -17.44 -9.19
N GLY A 301 -3.66 -16.73 -8.08
CA GLY A 301 -2.76 -16.86 -6.95
C GLY A 301 -3.28 -16.19 -5.70
N PRO A 302 -2.50 -16.26 -4.60
CA PRO A 302 -2.95 -15.61 -3.35
C PRO A 302 -2.80 -14.09 -3.37
N ILE A 303 -3.87 -13.39 -3.74
CA ILE A 303 -3.86 -11.93 -3.82
C ILE A 303 -4.37 -11.33 -2.52
N THR A 304 -3.78 -10.20 -2.11
CA THR A 304 -4.18 -9.54 -0.88
C THR A 304 -4.58 -8.07 -1.12
N ASP A 305 -4.14 -7.44 -2.22
CA ASP A 305 -4.47 -6.04 -2.56
C ASP A 305 -4.69 -5.93 -4.05
N VAL A 306 -5.69 -5.17 -4.50
CA VAL A 306 -5.90 -4.94 -5.92
C VAL A 306 -6.21 -3.46 -6.11
N PHE A 307 -5.54 -2.81 -7.05
CA PHE A 307 -5.74 -1.39 -7.33
C PHE A 307 -6.46 -1.25 -8.66
N TYR A 308 -7.44 -0.35 -8.70
CA TYR A 308 -8.22 -0.09 -9.90
C TYR A 308 -8.16 1.39 -10.27
N LYS A 309 -8.41 1.71 -11.55
CA LYS A 309 -8.45 3.11 -12.01
C LYS A 309 -9.85 3.68 -11.77
N GLU A 310 -9.92 4.99 -11.56
CA GLU A 310 -11.20 5.67 -11.33
C GLU A 310 -11.12 7.17 -11.67
N ASN A 311 -12.29 7.79 -11.91
CA ASN A 311 -12.45 9.21 -12.15
C ASN A 311 -13.70 9.59 -11.35
N SER A 312 -14.87 9.05 -11.74
CA SER A 312 -16.14 9.31 -11.08
C SER A 312 -17.13 8.16 -11.34
N TYR A 313 -17.63 7.55 -10.26
CA TYR A 313 -18.59 6.45 -10.35
C TYR A 313 -19.86 6.83 -9.60
N THR A 314 -21.00 6.43 -10.17
CA THR A 314 -22.29 6.64 -9.57
C THR A 314 -23.10 5.36 -9.75
N THR A 315 -23.68 4.85 -8.66
CA THR A 315 -24.47 3.62 -8.70
C THR A 315 -25.81 3.81 -9.42
N THR A 316 -26.30 2.72 -10.01
CA THR A 316 -27.62 2.73 -10.63
C THR A 316 -28.62 1.93 -9.77
N ILE A 317 -28.36 1.82 -8.45
CA ILE A 317 -29.20 1.07 -7.51
C ILE A 317 -30.25 2.01 -6.88
N LYS A 318 -31.53 1.64 -7.01
CA LYS A 318 -32.66 2.42 -6.48
C LYS A 318 -32.94 2.10 -5.01
N ARG B 6 -38.38 18.07 10.61
CA ARG B 6 -37.23 17.16 10.51
C ARG B 6 -36.78 16.63 11.89
N THR B 7 -37.54 15.65 12.50
CA THR B 7 -37.18 15.15 13.83
C THR B 7 -37.31 13.62 14.08
N ILE B 8 -36.60 13.12 15.14
CA ILE B 8 -36.72 11.77 15.69
C ILE B 8 -36.91 11.87 17.22
N LYS B 9 -37.42 10.80 17.84
CA LYS B 9 -37.62 10.79 19.28
C LYS B 9 -36.65 9.78 19.86
N VAL B 10 -35.81 10.22 20.80
CA VAL B 10 -34.82 9.37 21.45
C VAL B 10 -35.00 9.48 22.99
N PHE B 11 -34.22 8.71 23.78
CA PHE B 11 -34.24 8.78 25.23
C PHE B 11 -32.91 9.32 25.70
N THR B 12 -32.93 10.23 26.69
CA THR B 12 -31.69 10.74 27.27
C THR B 12 -31.61 10.33 28.74
N THR B 13 -30.39 10.17 29.25
CA THR B 13 -30.20 9.76 30.63
C THR B 13 -28.93 10.35 31.24
N VAL B 14 -29.06 10.92 32.43
CA VAL B 14 -27.93 11.47 33.15
C VAL B 14 -27.45 10.52 34.27
N ASP B 15 -28.21 9.41 34.57
CA ASP B 15 -27.88 8.47 35.64
C ASP B 15 -28.01 6.98 35.29
N ASN B 16 -28.34 6.64 34.03
CA ASN B 16 -28.53 5.25 33.58
C ASN B 16 -29.69 4.50 34.29
N ILE B 17 -30.56 5.24 34.98
CA ILE B 17 -31.72 4.69 35.70
C ILE B 17 -33.00 5.38 35.20
N ASN B 18 -32.94 6.70 35.06
CA ASN B 18 -34.10 7.47 34.61
C ASN B 18 -33.92 7.96 33.19
N LEU B 19 -34.91 7.65 32.34
CA LEU B 19 -34.92 8.01 30.92
C LEU B 19 -35.91 9.12 30.66
N HIS B 20 -35.59 9.99 29.71
CA HIS B 20 -36.48 11.06 29.33
C HIS B 20 -36.65 11.11 27.83
N THR B 21 -37.90 11.03 27.35
CA THR B 21 -38.20 11.08 25.92
C THR B 21 -37.93 12.50 25.43
N GLN B 22 -37.12 12.65 24.39
CA GLN B 22 -36.77 13.95 23.82
C GLN B 22 -37.00 13.93 22.31
N VAL B 23 -37.34 15.08 21.75
CA VAL B 23 -37.52 15.20 20.30
C VAL B 23 -36.27 15.91 19.80
N VAL B 24 -35.51 15.27 18.90
CA VAL B 24 -34.25 15.84 18.43
C VAL B 24 -34.38 16.30 16.98
N ASP B 25 -33.79 17.45 16.66
CA ASP B 25 -33.82 18.01 15.31
C ASP B 25 -32.68 17.36 14.55
N MET B 26 -32.98 16.78 13.38
CA MET B 26 -31.98 16.06 12.60
C MET B 26 -30.99 16.94 11.86
N SER B 27 -31.24 18.25 11.77
CA SER B 27 -30.32 19.17 11.09
C SER B 27 -29.21 19.72 11.99
N MET B 28 -29.23 19.41 13.29
CA MET B 28 -28.22 19.87 14.23
C MET B 28 -27.57 18.67 14.91
N THR B 29 -26.32 18.80 15.34
CA THR B 29 -25.63 17.73 16.06
C THR B 29 -26.18 17.56 17.47
N TYR B 30 -25.89 16.41 18.12
CA TYR B 30 -26.33 16.18 19.50
C TYR B 30 -25.74 17.22 20.46
N GLY B 31 -24.51 17.64 20.22
CA GLY B 31 -23.81 18.62 21.01
C GLY B 31 -24.47 19.98 21.08
N GLN B 32 -25.01 20.47 19.96
CA GLN B 32 -25.68 21.77 19.97
C GLN B 32 -27.10 21.72 20.58
N GLN B 33 -27.64 20.52 20.84
CA GLN B 33 -28.95 20.37 21.45
C GLN B 33 -28.88 19.93 22.93
N PHE B 34 -27.90 19.07 23.29
CA PHE B 34 -27.79 18.53 24.63
C PHE B 34 -26.44 18.71 25.33
N GLY B 35 -25.44 19.16 24.60
CA GLY B 35 -24.08 19.21 25.13
C GLY B 35 -23.40 17.88 24.87
N PRO B 36 -22.43 17.47 25.71
CA PRO B 36 -21.76 16.18 25.47
C PRO B 36 -22.71 14.97 25.55
N THR B 37 -23.01 14.38 24.38
CA THR B 37 -23.92 13.24 24.23
C THR B 37 -23.14 11.99 23.80
N TYR B 38 -23.50 10.82 24.34
CA TYR B 38 -22.80 9.57 24.05
C TYR B 38 -23.79 8.42 23.77
N LEU B 39 -23.46 7.53 22.83
CA LEU B 39 -24.31 6.41 22.47
C LEU B 39 -23.52 5.11 22.34
N ASP B 40 -23.87 4.09 23.13
CA ASP B 40 -23.28 2.76 23.07
C ASP B 40 -21.75 2.71 23.07
N GLY B 41 -21.08 3.62 23.76
CA GLY B 41 -19.61 3.63 23.81
C GLY B 41 -18.94 4.57 22.84
N ALA B 42 -19.72 5.41 22.16
CA ALA B 42 -19.21 6.37 21.18
C ALA B 42 -19.61 7.78 21.58
N ASP B 43 -18.79 8.75 21.23
CA ASP B 43 -19.08 10.15 21.49
C ASP B 43 -19.85 10.69 20.29
N VAL B 44 -21.15 10.97 20.47
CA VAL B 44 -21.97 11.45 19.36
C VAL B 44 -22.19 12.97 19.39
N THR B 45 -21.41 13.73 20.18
CA THR B 45 -21.51 15.19 20.30
C THR B 45 -21.44 15.89 18.94
N LYS B 46 -20.40 15.63 18.15
CA LYS B 46 -20.22 16.27 16.85
C LYS B 46 -20.95 15.57 15.69
N ILE B 47 -21.89 14.66 15.99
CA ILE B 47 -22.61 13.85 15.02
C ILE B 47 -24.06 14.30 14.88
N LYS B 48 -24.60 14.33 13.65
CA LYS B 48 -26.00 14.66 13.45
C LYS B 48 -26.85 13.38 13.59
N PRO B 49 -28.10 13.50 14.06
CA PRO B 49 -28.93 12.31 14.26
C PRO B 49 -29.19 11.46 13.03
N HIS B 50 -29.06 10.13 13.17
CA HIS B 50 -29.36 9.17 12.12
C HIS B 50 -30.78 8.65 12.32
N ASN B 51 -31.43 8.16 11.26
CA ASN B 51 -32.79 7.62 11.36
C ASN B 51 -32.82 6.42 12.34
N SER B 52 -31.75 5.61 12.34
CA SER B 52 -31.59 4.44 13.20
C SER B 52 -31.54 4.77 14.68
N HIS B 53 -31.20 6.02 15.03
CA HIS B 53 -31.11 6.47 16.42
C HIS B 53 -32.46 6.57 17.12
N GLU B 54 -33.57 6.59 16.38
CA GLU B 54 -34.93 6.66 16.93
C GLU B 54 -35.16 5.55 17.98
N GLY B 55 -35.59 5.91 19.19
CA GLY B 55 -35.85 4.98 20.26
C GLY B 55 -34.65 4.55 21.08
N LYS B 56 -33.44 4.99 20.67
CA LYS B 56 -32.22 4.64 21.41
C LYS B 56 -31.99 5.51 22.64
N THR B 57 -31.22 5.01 23.61
CA THR B 57 -30.90 5.74 24.83
C THR B 57 -29.48 6.30 24.75
N PHE B 58 -29.40 7.64 24.94
CA PHE B 58 -28.18 8.44 24.90
C PHE B 58 -27.83 8.89 26.30
N TYR B 59 -26.54 8.88 26.65
CA TYR B 59 -26.11 9.35 27.96
C TYR B 59 -25.61 10.76 27.80
N VAL B 60 -26.14 11.70 28.59
CA VAL B 60 -25.70 13.07 28.53
C VAL B 60 -24.81 13.35 29.73
N LEU B 61 -23.63 13.93 29.49
CA LEU B 61 -22.69 14.20 30.56
C LEU B 61 -22.02 15.54 30.33
N PRO B 62 -22.60 16.61 30.89
CA PRO B 62 -22.03 17.95 30.68
C PRO B 62 -20.62 18.10 31.21
N ASN B 63 -19.81 18.94 30.56
CA ASN B 63 -18.42 19.18 30.94
C ASN B 63 -18.28 19.86 32.32
N ASP B 64 -17.67 19.15 33.28
CA ASP B 64 -17.45 19.59 34.65
C ASP B 64 -16.00 19.30 35.04
N ASP B 65 -15.31 20.25 35.71
CA ASP B 65 -13.90 20.08 36.11
C ASP B 65 -13.69 18.93 37.11
N THR B 66 -14.65 18.75 38.03
CA THR B 66 -14.59 17.67 39.03
C THR B 66 -14.69 16.28 38.37
N LEU B 67 -15.43 16.18 37.25
CA LEU B 67 -15.56 14.93 36.51
C LEU B 67 -14.23 14.54 35.88
N ARG B 68 -13.51 15.52 35.31
CA ARG B 68 -12.20 15.31 34.69
C ARG B 68 -11.17 14.79 35.70
N VAL B 69 -11.17 15.35 36.92
CA VAL B 69 -10.26 14.93 37.97
C VAL B 69 -10.64 13.53 38.48
N GLU B 70 -11.96 13.28 38.64
CA GLU B 70 -12.45 11.98 39.09
C GLU B 70 -12.07 10.88 38.11
N ALA B 71 -12.21 11.14 36.80
CA ALA B 71 -11.87 10.18 35.77
C ALA B 71 -10.39 9.80 35.83
N PHE B 72 -9.48 10.77 36.00
CA PHE B 72 -8.05 10.48 36.06
C PHE B 72 -7.72 9.62 37.29
N GLU B 73 -8.33 9.91 38.44
CA GLU B 73 -8.07 9.15 39.66
C GLU B 73 -8.64 7.71 39.65
N TYR B 74 -9.94 7.52 39.32
CA TYR B 74 -10.52 6.16 39.37
C TYR B 74 -10.40 5.37 38.09
N TYR B 75 -10.10 6.00 36.95
CA TYR B 75 -10.05 5.28 35.68
C TYR B 75 -8.69 5.27 35.01
N HIS B 76 -7.71 6.05 35.51
CA HIS B 76 -6.36 6.17 34.95
C HIS B 76 -6.45 6.59 33.49
N THR B 77 -7.23 7.63 33.20
CA THR B 77 -7.39 8.09 31.84
C THR B 77 -7.31 9.59 31.73
N THR B 78 -6.81 10.04 30.57
CA THR B 78 -6.74 11.46 30.27
C THR B 78 -7.70 11.86 29.12
N ASP B 79 -8.47 10.91 28.56
CA ASP B 79 -9.40 11.17 27.48
C ASP B 79 -10.67 11.74 28.09
N PRO B 80 -11.00 13.01 27.76
CA PRO B 80 -12.22 13.62 28.31
C PRO B 80 -13.53 12.97 27.89
N SER B 81 -13.51 12.04 26.92
CA SER B 81 -14.72 11.34 26.50
C SER B 81 -14.90 9.97 27.21
N PHE B 82 -13.91 9.53 28.02
CA PHE B 82 -13.93 8.24 28.68
C PHE B 82 -15.19 7.98 29.49
N LEU B 83 -15.52 8.83 30.44
CA LEU B 83 -16.67 8.65 31.31
C LEU B 83 -17.97 8.51 30.52
N GLY B 84 -18.17 9.36 29.52
CA GLY B 84 -19.37 9.33 28.70
C GLY B 84 -19.46 8.08 27.83
N ARG B 85 -18.31 7.65 27.28
CA ARG B 85 -18.27 6.44 26.46
C ARG B 85 -18.52 5.21 27.33
N TYR B 86 -17.98 5.20 28.56
CA TYR B 86 -18.17 4.11 29.50
C TYR B 86 -19.64 4.07 29.94
N MET B 87 -20.18 5.19 30.40
CA MET B 87 -21.56 5.27 30.85
C MET B 87 -22.58 4.91 29.78
N SER B 88 -22.35 5.33 28.53
CA SER B 88 -23.25 5.00 27.41
C SER B 88 -23.17 3.52 27.05
N ALA B 89 -21.99 2.91 27.15
CA ALA B 89 -21.84 1.47 26.90
C ALA B 89 -22.51 0.68 28.02
N LEU B 90 -22.38 1.15 29.27
CA LEU B 90 -22.97 0.53 30.45
C LEU B 90 -24.48 0.47 30.36
N ASN B 91 -25.12 1.47 29.74
CA ASN B 91 -26.57 1.45 29.55
C ASN B 91 -27.00 0.19 28.76
N HIS B 92 -26.20 -0.18 27.77
CA HIS B 92 -26.46 -1.34 26.93
C HIS B 92 -26.01 -2.66 27.59
N THR B 93 -24.78 -2.74 28.13
CA THR B 93 -24.30 -3.98 28.73
C THR B 93 -25.18 -4.37 29.94
N LYS B 94 -25.83 -3.41 30.63
CA LYS B 94 -26.74 -3.72 31.74
C LYS B 94 -27.97 -4.54 31.22
N LYS B 95 -28.34 -4.38 29.93
CA LYS B 95 -29.42 -5.09 29.27
C LYS B 95 -29.04 -6.52 28.86
N TRP B 96 -27.74 -6.88 28.90
CA TRP B 96 -27.30 -8.23 28.57
C TRP B 96 -27.52 -9.20 29.74
N LYS B 97 -27.58 -10.51 29.46
CA LYS B 97 -27.74 -11.51 30.51
C LYS B 97 -26.36 -12.14 30.80
N TYR B 98 -26.02 -12.36 32.09
CA TYR B 98 -24.70 -12.90 32.44
C TYR B 98 -24.83 -14.24 33.16
N PRO B 99 -25.03 -15.35 32.43
CA PRO B 99 -25.20 -16.64 33.08
C PRO B 99 -23.92 -17.23 33.66
N GLN B 100 -24.08 -18.05 34.70
CA GLN B 100 -22.96 -18.75 35.29
C GLN B 100 -22.84 -20.05 34.51
N VAL B 101 -21.93 -20.11 33.53
CA VAL B 101 -21.73 -21.33 32.75
C VAL B 101 -20.47 -21.98 33.25
N ASN B 102 -20.61 -23.18 33.84
CA ASN B 102 -19.53 -23.99 34.38
C ASN B 102 -18.74 -23.26 35.46
N GLY B 103 -19.44 -22.59 36.37
CA GLY B 103 -18.82 -21.84 37.45
C GLY B 103 -18.22 -20.49 37.07
N LEU B 104 -18.18 -20.17 35.77
CA LEU B 104 -17.63 -18.91 35.30
C LEU B 104 -18.74 -17.96 34.84
N THR B 105 -18.52 -16.65 34.96
CA THR B 105 -19.50 -15.68 34.51
C THR B 105 -19.31 -15.52 33.00
N SER B 106 -20.38 -15.74 32.23
CA SER B 106 -20.32 -15.61 30.79
C SER B 106 -21.32 -14.53 30.30
N ILE B 107 -21.44 -14.31 28.98
CA ILE B 107 -22.44 -13.35 28.46
C ILE B 107 -23.32 -14.08 27.45
N LYS B 108 -24.64 -14.00 27.59
CA LYS B 108 -25.56 -14.60 26.61
C LYS B 108 -25.39 -13.80 25.30
N TRP B 109 -25.22 -14.48 24.14
CA TRP B 109 -24.98 -13.79 22.89
C TRP B 109 -25.98 -12.70 22.57
N ALA B 110 -25.46 -11.52 22.16
CA ALA B 110 -26.20 -10.32 21.78
C ALA B 110 -25.23 -9.31 21.24
N ASP B 111 -25.65 -8.55 20.24
CA ASP B 111 -24.87 -7.43 19.71
C ASP B 111 -23.40 -7.76 19.41
N ASN B 112 -23.14 -8.95 18.83
CA ASN B 112 -21.79 -9.41 18.48
C ASN B 112 -20.82 -9.38 19.68
N ASN B 113 -21.28 -9.90 20.85
CA ASN B 113 -20.49 -9.87 22.08
C ASN B 113 -19.57 -11.06 22.32
N SER B 114 -19.44 -11.95 21.33
CA SER B 114 -18.60 -13.17 21.31
C SER B 114 -17.16 -12.91 21.85
N TYR B 115 -16.50 -11.84 21.40
CA TYR B 115 -15.14 -11.53 21.87
C TYR B 115 -15.11 -11.05 23.31
N LEU B 116 -16.20 -10.38 23.76
CA LEU B 116 -16.30 -9.86 25.10
C LEU B 116 -16.51 -10.97 26.08
N ALA B 117 -17.41 -11.92 25.76
CA ALA B 117 -17.65 -13.10 26.61
C ALA B 117 -16.36 -13.93 26.75
N THR B 118 -15.58 -14.05 25.67
CA THR B 118 -14.34 -14.81 25.62
C THR B 118 -13.27 -14.14 26.45
N ALA B 119 -13.15 -12.81 26.35
CA ALA B 119 -12.17 -12.08 27.15
C ALA B 119 -12.56 -12.17 28.62
N LEU B 120 -13.86 -12.00 28.94
CA LEU B 120 -14.41 -12.06 30.30
C LEU B 120 -14.15 -13.43 30.95
N LEU B 121 -14.41 -14.52 30.23
CA LEU B 121 -14.18 -15.85 30.75
C LEU B 121 -12.70 -16.08 30.99
N THR B 122 -11.83 -15.64 30.04
CA THR B 122 -10.37 -15.78 30.14
C THR B 122 -9.86 -15.04 31.37
N LEU B 123 -10.33 -13.80 31.59
CA LEU B 123 -9.91 -12.98 32.72
C LEU B 123 -10.18 -13.61 34.07
N GLN B 124 -11.17 -14.50 34.16
CA GLN B 124 -11.46 -15.20 35.41
C GLN B 124 -10.52 -16.40 35.65
N GLN B 125 -9.68 -16.77 34.68
CA GLN B 125 -8.79 -17.92 34.81
C GLN B 125 -7.30 -17.57 34.84
N ILE B 126 -6.95 -16.27 34.84
CA ILE B 126 -5.54 -15.87 34.90
C ILE B 126 -5.29 -14.91 36.05
N GLU B 127 -4.14 -15.08 36.74
CA GLU B 127 -3.73 -14.22 37.87
C GLU B 127 -3.42 -12.82 37.33
N LEU B 128 -4.25 -11.84 37.66
CA LEU B 128 -4.08 -10.49 37.15
C LEU B 128 -4.55 -9.45 38.18
N LYS B 129 -3.85 -8.33 38.25
CA LYS B 129 -4.23 -7.24 39.15
C LYS B 129 -4.20 -5.96 38.33
N PHE B 130 -5.35 -5.26 38.26
CA PHE B 130 -5.49 -4.01 37.50
C PHE B 130 -5.09 -2.81 38.34
N ASN B 131 -4.42 -1.84 37.72
CA ASN B 131 -3.99 -0.62 38.39
C ASN B 131 -5.13 0.38 38.60
N PRO B 132 -6.02 0.69 37.60
CA PRO B 132 -7.09 1.67 37.88
C PRO B 132 -8.04 1.15 38.94
N PRO B 133 -8.26 1.92 40.01
CA PRO B 133 -9.15 1.46 41.09
C PRO B 133 -10.54 1.02 40.65
N ALA B 134 -11.21 1.79 39.77
CA ALA B 134 -12.55 1.40 39.30
C ALA B 134 -12.52 0.16 38.42
N LEU B 135 -11.43 -0.07 37.69
CA LEU B 135 -11.29 -1.25 36.85
C LEU B 135 -11.10 -2.48 37.71
N GLN B 136 -10.29 -2.37 38.77
CA GLN B 136 -10.08 -3.49 39.68
C GLN B 136 -11.37 -3.81 40.47
N ASP B 137 -12.12 -2.74 40.84
CA ASP B 137 -13.40 -2.86 41.56
C ASP B 137 -14.47 -3.52 40.68
N ALA B 138 -14.43 -3.24 39.34
CA ALA B 138 -15.33 -3.85 38.35
C ALA B 138 -14.93 -5.30 38.07
N TYR B 139 -13.64 -5.60 38.10
CA TYR B 139 -13.10 -6.93 37.90
C TYR B 139 -13.58 -7.87 39.02
N TYR B 140 -13.50 -7.42 40.28
CA TYR B 140 -13.95 -8.22 41.42
C TYR B 140 -15.46 -8.49 41.34
N ARG B 141 -16.24 -7.49 40.94
CA ARG B 141 -17.67 -7.65 40.81
C ARG B 141 -18.05 -8.58 39.66
N ALA B 142 -17.28 -8.54 38.56
CA ALA B 142 -17.54 -9.40 37.41
C ALA B 142 -17.34 -10.87 37.77
N ARG B 143 -16.27 -11.18 38.52
CA ARG B 143 -15.98 -12.55 38.97
C ARG B 143 -17.11 -13.11 39.85
N ALA B 144 -17.83 -12.21 40.56
CA ALA B 144 -18.95 -12.54 41.43
C ALA B 144 -20.31 -12.62 40.70
N GLY B 145 -20.34 -12.35 39.39
CA GLY B 145 -21.57 -12.41 38.63
C GLY B 145 -22.05 -11.11 38.01
N GLU B 146 -21.87 -9.96 38.71
CA GLU B 146 -22.29 -8.65 38.20
C GLU B 146 -21.22 -8.09 37.23
N ALA B 147 -21.25 -8.52 35.95
CA ALA B 147 -20.20 -8.17 35.00
C ALA B 147 -20.52 -7.08 34.00
N ALA B 148 -21.68 -6.45 34.09
CA ALA B 148 -22.04 -5.40 33.15
C ALA B 148 -21.11 -4.19 33.16
N ASN B 149 -20.65 -3.75 34.35
CA ASN B 149 -19.75 -2.61 34.46
C ASN B 149 -18.34 -2.94 33.98
N PHE B 150 -17.91 -4.21 34.14
CA PHE B 150 -16.60 -4.63 33.67
C PHE B 150 -16.57 -4.65 32.16
N CYS B 151 -17.61 -5.19 31.52
CA CYS B 151 -17.69 -5.26 30.06
C CYS B 151 -17.76 -3.88 29.42
N ALA B 152 -18.43 -2.91 30.10
CA ALA B 152 -18.52 -1.53 29.62
C ALA B 152 -17.14 -0.85 29.74
N LEU B 153 -16.39 -1.15 30.83
CA LEU B 153 -15.05 -0.61 30.98
C LEU B 153 -14.12 -1.22 29.94
N ILE B 154 -14.31 -2.52 29.60
CA ILE B 154 -13.50 -3.14 28.55
C ILE B 154 -13.71 -2.41 27.22
N LEU B 155 -14.98 -2.11 26.90
CA LEU B 155 -15.35 -1.39 25.68
C LEU B 155 -14.73 0.01 25.71
N ALA B 156 -14.80 0.70 26.86
CA ALA B 156 -14.23 2.03 27.02
C ALA B 156 -12.70 2.08 26.88
N TYR B 157 -11.96 1.18 27.55
CA TYR B 157 -10.50 1.15 27.43
C TYR B 157 -10.04 0.73 26.03
N CYS B 158 -10.86 -0.08 25.31
CA CYS B 158 -10.53 -0.51 23.97
C CYS B 158 -10.99 0.44 22.89
N ASN B 159 -11.75 1.51 23.23
CA ASN B 159 -12.30 2.48 22.28
C ASN B 159 -13.25 1.79 21.30
N LYS B 160 -14.03 0.84 21.81
CA LYS B 160 -14.99 0.08 21.02
C LYS B 160 -16.43 0.46 21.35
N THR B 161 -17.36 0.18 20.44
CA THR B 161 -18.77 0.46 20.68
C THR B 161 -19.59 -0.85 20.77
N VAL B 162 -20.76 -0.81 21.41
CA VAL B 162 -21.61 -1.99 21.53
C VAL B 162 -22.14 -2.34 20.13
N GLY B 163 -21.93 -3.58 19.72
CA GLY B 163 -22.35 -4.03 18.39
C GLY B 163 -21.20 -4.20 17.44
N GLU B 164 -20.11 -3.49 17.67
CA GLU B 164 -18.91 -3.57 16.86
C GLU B 164 -18.13 -4.82 17.26
N LEU B 165 -17.71 -5.64 16.28
CA LEU B 165 -16.92 -6.87 16.52
C LEU B 165 -15.52 -6.48 17.01
N GLY B 166 -14.94 -7.34 17.82
CA GLY B 166 -13.61 -7.10 18.35
C GLY B 166 -12.74 -8.32 18.33
N ASP B 167 -11.45 -8.10 18.52
CA ASP B 167 -10.45 -9.14 18.53
C ASP B 167 -10.11 -9.41 20.00
N VAL B 168 -10.09 -10.67 20.41
CA VAL B 168 -9.78 -11.02 21.80
C VAL B 168 -8.33 -10.65 22.12
N ARG B 169 -7.38 -10.96 21.23
CA ARG B 169 -5.97 -10.63 21.44
C ARG B 169 -5.76 -9.13 21.60
N GLU B 170 -6.38 -8.31 20.75
CA GLU B 170 -6.28 -6.85 20.85
C GLU B 170 -6.91 -6.37 22.14
N THR B 171 -8.07 -6.93 22.53
CA THR B 171 -8.75 -6.60 23.79
C THR B 171 -7.82 -6.90 24.96
N MET B 172 -7.20 -8.09 24.97
CA MET B 172 -6.26 -8.49 26.02
C MET B 172 -5.09 -7.51 26.06
N SER B 173 -4.50 -7.21 24.89
CA SER B 173 -3.40 -6.23 24.78
C SER B 173 -3.74 -4.89 25.44
N TYR B 174 -4.93 -4.34 25.19
CA TYR B 174 -5.38 -3.09 25.78
C TYR B 174 -5.54 -3.22 27.28
N LEU B 175 -6.16 -4.32 27.77
CA LEU B 175 -6.41 -4.53 29.20
C LEU B 175 -5.14 -4.76 29.98
N PHE B 176 -4.16 -5.45 29.37
CA PHE B 176 -2.86 -5.72 29.99
C PHE B 176 -2.07 -4.42 30.20
N GLN B 177 -2.30 -3.38 29.39
CA GLN B 177 -1.64 -2.08 29.58
C GLN B 177 -2.14 -1.38 30.88
N HIS B 178 -3.28 -1.85 31.43
CA HIS B 178 -3.82 -1.37 32.70
C HIS B 178 -3.60 -2.36 33.86
N ALA B 179 -2.88 -3.45 33.64
CA ALA B 179 -2.56 -4.44 34.65
C ALA B 179 -1.14 -4.18 35.12
N ASN B 180 -0.82 -4.62 36.35
CA ASN B 180 0.53 -4.46 36.86
C ASN B 180 1.35 -5.64 36.36
N LEU B 181 2.12 -5.44 35.28
CA LEU B 181 2.94 -6.52 34.71
C LEU B 181 4.43 -6.17 34.68
N ASP B 182 4.88 -5.23 35.53
CA ASP B 182 6.29 -4.84 35.55
C ASP B 182 7.19 -6.00 35.91
N SER B 183 6.76 -6.86 36.84
CA SER B 183 7.55 -8.02 37.23
C SER B 183 7.62 -9.12 36.13
N CYS B 184 6.83 -8.98 35.04
CA CYS B 184 6.87 -9.96 33.95
C CYS B 184 8.08 -9.75 33.06
N LYS B 185 8.80 -10.85 32.77
CA LYS B 185 10.05 -10.81 32.01
C LYS B 185 10.11 -11.99 31.02
N ARG B 186 10.61 -11.73 29.82
CA ARG B 186 10.78 -12.76 28.81
C ARG B 186 12.14 -12.57 28.15
N VAL B 187 12.94 -13.63 28.09
CA VAL B 187 14.24 -13.55 27.42
C VAL B 187 14.19 -14.51 26.24
N LEU B 188 14.45 -14.00 25.03
CA LEU B 188 14.41 -14.80 23.80
C LEU B 188 15.77 -14.83 23.12
N ASN B 189 16.10 -15.93 22.44
CA ASN B 189 17.34 -16.01 21.67
C ASN B 189 16.98 -16.38 20.25
N VAL B 190 17.56 -15.70 19.26
CA VAL B 190 17.29 -15.98 17.85
C VAL B 190 18.58 -16.43 17.17
N VAL B 191 18.57 -17.60 16.54
CA VAL B 191 19.77 -18.20 15.93
C VAL B 191 19.68 -18.36 14.41
N CYS B 192 20.59 -17.69 13.68
CA CYS B 192 20.73 -17.79 12.22
C CYS B 192 22.11 -18.37 11.95
N LYS B 193 22.20 -19.41 11.10
CA LYS B 193 23.47 -20.07 10.79
C LYS B 193 24.52 -19.15 10.20
N THR B 194 24.10 -18.07 9.53
CA THR B 194 25.05 -17.12 8.94
C THR B 194 25.08 -15.75 9.61
N CYS B 195 24.25 -15.51 10.64
CA CYS B 195 24.22 -14.23 11.34
C CYS B 195 24.66 -14.33 12.79
N GLY B 196 24.40 -15.47 13.40
CA GLY B 196 24.75 -15.70 14.79
C GLY B 196 23.57 -15.77 15.72
N GLN B 197 23.80 -15.42 16.99
CA GLN B 197 22.80 -15.44 18.03
C GLN B 197 22.50 -14.03 18.51
N GLN B 198 21.21 -13.69 18.63
CA GLN B 198 20.81 -12.38 19.13
C GLN B 198 19.79 -12.53 20.27
N GLN B 199 20.18 -12.14 21.48
CA GLN B 199 19.30 -12.24 22.64
C GLN B 199 18.50 -10.96 22.85
N THR B 200 17.20 -11.11 23.09
CA THR B 200 16.31 -9.97 23.28
C THR B 200 15.62 -10.10 24.63
N THR B 201 15.45 -8.99 25.35
CA THR B 201 14.76 -9.03 26.63
C THR B 201 13.52 -8.15 26.59
N LEU B 202 12.36 -8.78 26.80
CA LEU B 202 11.05 -8.11 26.76
C LEU B 202 10.46 -8.04 28.16
N LYS B 203 9.85 -6.90 28.49
CA LYS B 203 9.21 -6.71 29.78
C LYS B 203 7.73 -6.30 29.60
N GLY B 204 6.93 -6.42 30.66
CA GLY B 204 5.54 -6.03 30.64
C GLY B 204 4.63 -6.85 29.75
N VAL B 205 3.83 -6.18 28.91
CA VAL B 205 2.87 -6.85 28.02
C VAL B 205 3.58 -7.65 26.94
N GLU B 206 4.73 -7.17 26.45
CA GLU B 206 5.51 -7.90 25.45
C GLU B 206 6.07 -9.22 25.97
N ALA B 207 6.19 -9.38 27.29
CA ALA B 207 6.70 -10.60 27.90
C ALA B 207 5.63 -11.69 28.03
N VAL B 208 4.33 -11.34 27.97
CA VAL B 208 3.27 -12.35 28.12
C VAL B 208 2.53 -12.68 26.83
N MET B 209 2.68 -11.87 25.77
CA MET B 209 1.97 -12.12 24.52
C MET B 209 2.92 -12.45 23.39
N TYR B 210 2.62 -13.47 22.58
CA TYR B 210 3.40 -13.84 21.39
C TYR B 210 2.46 -14.07 20.21
N MET B 211 2.84 -13.61 19.00
CA MET B 211 2.03 -13.78 17.80
C MET B 211 2.83 -14.58 16.77
N GLY B 212 2.35 -15.77 16.44
CA GLY B 212 3.04 -16.60 15.48
C GLY B 212 2.83 -18.08 15.67
N THR B 213 2.64 -18.52 16.93
CA THR B 213 2.37 -19.91 17.21
C THR B 213 1.47 -20.04 18.44
N LEU B 214 0.60 -21.08 18.42
CA LEU B 214 -0.29 -21.38 19.53
C LEU B 214 0.38 -22.25 20.59
N SER B 215 1.46 -22.95 20.24
CA SER B 215 2.12 -23.87 21.13
C SER B 215 3.22 -23.26 21.96
N TYR B 216 3.07 -23.37 23.28
CA TYR B 216 4.08 -22.92 24.22
C TYR B 216 5.27 -23.88 24.17
N GLU B 217 5.03 -25.18 23.92
CA GLU B 217 6.10 -26.16 23.80
C GLU B 217 6.93 -25.87 22.54
N GLN B 218 6.27 -25.48 21.43
CA GLN B 218 7.01 -25.15 20.20
C GLN B 218 7.85 -23.89 20.36
N PHE B 219 7.40 -22.96 21.19
CA PHE B 219 8.09 -21.73 21.50
C PHE B 219 9.36 -22.05 22.33
N LYS B 220 9.27 -23.02 23.25
CA LYS B 220 10.36 -23.44 24.10
C LYS B 220 11.42 -24.21 23.30
N LYS B 221 10.96 -25.04 22.34
CA LYS B 221 11.86 -25.85 21.50
C LYS B 221 12.54 -25.00 20.42
N GLY B 222 11.79 -24.09 19.83
CA GLY B 222 12.30 -23.23 18.77
C GLY B 222 11.29 -23.12 17.64
N VAL B 223 11.05 -21.89 17.21
CA VAL B 223 10.10 -21.60 16.15
C VAL B 223 10.83 -20.95 14.95
N GLN B 224 10.42 -21.27 13.72
CA GLN B 224 11.07 -20.73 12.54
C GLN B 224 10.54 -19.36 12.11
N ILE B 225 11.37 -18.33 12.25
CA ILE B 225 11.06 -16.95 11.86
C ILE B 225 12.04 -16.49 10.77
N PRO B 226 11.67 -15.55 9.90
CA PRO B 226 12.62 -15.11 8.86
C PRO B 226 13.70 -14.18 9.41
N CYS B 227 14.92 -14.33 8.88
CA CYS B 227 16.03 -13.49 9.29
C CYS B 227 16.27 -12.39 8.24
N THR B 228 16.84 -11.27 8.67
CA THR B 228 17.13 -10.14 7.78
C THR B 228 18.17 -10.50 6.68
N CYS B 229 18.94 -11.58 6.88
CA CYS B 229 19.90 -12.02 5.86
C CYS B 229 19.24 -12.76 4.69
N GLY B 230 18.05 -13.31 4.92
CA GLY B 230 17.34 -14.08 3.92
C GLY B 230 17.07 -15.48 4.41
N LYS B 231 18.05 -16.07 5.12
CA LYS B 231 17.90 -17.41 5.67
C LYS B 231 16.80 -17.45 6.78
N GLN B 232 16.43 -18.66 7.20
CA GLN B 232 15.49 -18.85 8.28
C GLN B 232 16.26 -18.90 9.60
N ALA B 233 15.69 -18.32 10.64
CA ALA B 233 16.30 -18.31 11.95
C ALA B 233 15.37 -19.02 12.94
N THR B 234 15.91 -19.45 14.09
CA THR B 234 15.12 -20.13 15.09
C THR B 234 15.01 -19.27 16.34
N LYS B 235 13.80 -18.84 16.69
CA LYS B 235 13.58 -18.07 17.90
C LYS B 235 13.11 -19.03 19.00
N TYR B 236 13.71 -19.00 20.20
CA TYR B 236 13.27 -19.89 21.28
C TYR B 236 13.23 -19.20 22.63
N LEU B 237 12.36 -19.69 23.51
CA LEU B 237 12.22 -19.12 24.84
C LEU B 237 13.37 -19.52 25.79
N VAL B 238 14.13 -18.52 26.23
CA VAL B 238 15.27 -18.71 27.14
C VAL B 238 14.81 -18.63 28.61
N GLN B 239 14.09 -17.56 28.97
CA GLN B 239 13.61 -17.42 30.34
C GLN B 239 12.22 -16.78 30.35
N GLN B 240 11.36 -17.21 31.28
CA GLN B 240 10.02 -16.64 31.39
C GLN B 240 9.66 -16.44 32.84
N GLU B 241 9.23 -15.24 33.21
CA GLU B 241 8.84 -14.95 34.58
C GLU B 241 7.57 -14.15 34.58
N SER B 242 6.43 -14.85 34.49
CA SER B 242 5.09 -14.28 34.45
C SER B 242 4.07 -15.29 35.03
N PRO B 243 2.92 -14.86 35.58
CA PRO B 243 1.96 -15.84 36.13
C PRO B 243 1.18 -16.66 35.07
N PHE B 244 1.25 -16.22 33.81
CA PHE B 244 0.60 -16.86 32.67
C PHE B 244 1.30 -16.44 31.37
N VAL B 245 1.04 -17.15 30.27
CA VAL B 245 1.51 -16.79 28.93
C VAL B 245 0.33 -16.88 27.95
N MET B 246 0.32 -16.03 26.92
CA MET B 246 -0.71 -16.01 25.90
C MET B 246 -0.05 -16.21 24.56
N MET B 247 -0.26 -17.37 23.94
CA MET B 247 0.31 -17.68 22.64
C MET B 247 -0.80 -17.53 21.62
N SER B 248 -0.59 -16.67 20.63
CA SER B 248 -1.58 -16.38 19.59
C SER B 248 -1.03 -16.65 18.19
N ALA B 249 -1.94 -16.88 17.23
CA ALA B 249 -1.65 -17.10 15.83
C ALA B 249 -2.94 -16.90 15.03
N PRO B 250 -2.87 -16.57 13.71
CA PRO B 250 -4.12 -16.47 12.93
C PRO B 250 -4.89 -17.80 12.96
N PRO B 251 -6.23 -17.74 13.09
CA PRO B 251 -7.03 -18.97 13.23
C PRO B 251 -6.68 -20.14 12.31
N ALA B 252 -6.47 -21.31 12.92
CA ALA B 252 -6.16 -22.55 12.20
C ALA B 252 -6.57 -23.76 13.04
N GLN B 253 -6.82 -24.91 12.38
CA GLN B 253 -7.18 -26.15 13.04
C GLN B 253 -6.05 -26.58 13.97
N TYR B 254 -6.38 -26.73 15.23
CA TYR B 254 -5.40 -27.06 16.26
C TYR B 254 -6.06 -28.05 17.24
N GLU B 255 -5.27 -28.99 17.75
CA GLU B 255 -5.77 -29.98 18.70
C GLU B 255 -5.43 -29.57 20.14
N LEU B 256 -6.48 -29.34 20.94
CA LEU B 256 -6.31 -28.95 22.33
C LEU B 256 -6.40 -30.20 23.19
N LYS B 257 -5.31 -30.58 23.86
CA LYS B 257 -5.33 -31.76 24.74
C LYS B 257 -5.52 -31.31 26.18
N HIS B 258 -6.48 -31.95 26.85
CA HIS B 258 -6.86 -31.70 28.25
C HIS B 258 -5.66 -31.71 29.20
N GLY B 259 -5.54 -30.67 30.02
CA GLY B 259 -4.47 -30.53 31.00
C GLY B 259 -3.16 -29.97 30.47
N THR B 260 -3.11 -29.64 29.16
CA THR B 260 -1.91 -29.07 28.55
C THR B 260 -1.96 -27.53 28.44
N PHE B 261 -3.13 -26.94 28.69
CA PHE B 261 -3.35 -25.49 28.60
C PHE B 261 -4.36 -25.06 29.69
N THR B 262 -4.55 -23.74 29.88
CA THR B 262 -5.49 -23.22 30.86
C THR B 262 -6.86 -22.99 30.19
N CYS B 263 -6.88 -22.22 29.10
CA CYS B 263 -8.05 -21.87 28.30
C CYS B 263 -7.62 -21.38 26.91
N ALA B 264 -8.54 -21.37 25.94
CA ALA B 264 -8.23 -20.98 24.57
C ALA B 264 -9.42 -20.32 23.87
N SER B 265 -9.12 -19.52 22.84
CA SER B 265 -10.09 -18.83 22.00
C SER B 265 -10.24 -19.58 20.69
N GLU B 266 -11.47 -19.95 20.35
CA GLU B 266 -11.78 -20.58 19.08
C GLU B 266 -12.45 -19.49 18.24
N TYR B 267 -12.04 -19.36 16.97
CA TYR B 267 -12.65 -18.35 16.10
C TYR B 267 -13.08 -18.97 14.80
N THR B 268 -14.38 -18.92 14.51
CA THR B 268 -14.90 -19.48 13.28
C THR B 268 -15.39 -18.39 12.38
N GLY B 269 -15.03 -18.45 11.11
CA GLY B 269 -15.46 -17.45 10.15
C GLY B 269 -14.30 -16.64 9.61
N ASN B 270 -14.60 -15.76 8.65
CA ASN B 270 -13.58 -14.90 8.05
C ASN B 270 -13.13 -13.76 9.01
N TYR B 271 -12.05 -13.06 8.62
CA TYR B 271 -11.47 -11.96 9.36
C TYR B 271 -12.51 -10.86 9.51
N GLN B 272 -12.78 -10.48 10.76
CA GLN B 272 -13.75 -9.45 11.16
C GLN B 272 -15.20 -9.81 10.86
N CYS B 273 -15.50 -11.09 10.60
CA CYS B 273 -16.85 -11.60 10.26
C CYS B 273 -17.30 -12.76 11.14
N GLY B 274 -16.39 -13.37 11.86
CA GLY B 274 -16.66 -14.59 12.58
C GLY B 274 -17.22 -14.46 13.97
N HIS B 275 -17.14 -15.59 14.68
CA HIS B 275 -17.66 -15.78 16.00
C HIS B 275 -16.63 -16.43 16.89
N TYR B 276 -16.64 -16.09 18.16
CA TYR B 276 -15.72 -16.67 19.13
C TYR B 276 -16.43 -17.67 20.07
N LYS B 277 -15.70 -18.71 20.44
CA LYS B 277 -16.10 -19.69 21.45
C LYS B 277 -14.93 -19.81 22.42
N HIS B 278 -15.21 -20.15 23.68
CA HIS B 278 -14.17 -20.25 24.69
C HIS B 278 -13.97 -21.69 25.12
N ILE B 279 -12.77 -22.24 24.97
CA ILE B 279 -12.49 -23.61 25.41
C ILE B 279 -11.73 -23.54 26.72
N THR B 280 -12.15 -24.28 27.74
CA THR B 280 -11.47 -24.27 29.04
C THR B 280 -11.18 -25.69 29.51
N SER B 281 -9.99 -25.92 30.09
CA SER B 281 -9.60 -27.24 30.56
C SER B 281 -9.84 -27.41 32.06
N LYS B 282 -10.96 -28.06 32.45
CA LYS B 282 -11.29 -28.33 33.84
C LYS B 282 -11.01 -29.84 34.07
N GLU B 283 -11.95 -30.63 34.63
CA GLU B 283 -11.76 -32.08 34.75
C GLU B 283 -11.83 -32.79 33.37
N THR B 284 -12.31 -32.07 32.35
CA THR B 284 -12.44 -32.39 30.94
C THR B 284 -12.53 -31.03 30.17
N LEU B 285 -12.48 -31.06 28.83
CA LEU B 285 -12.58 -29.84 28.03
C LEU B 285 -14.03 -29.36 27.91
N TYR B 286 -14.25 -28.07 28.20
CA TYR B 286 -15.57 -27.46 28.08
C TYR B 286 -15.54 -26.38 27.03
N CYS B 287 -16.59 -26.27 26.22
CA CYS B 287 -16.67 -25.21 25.22
C CYS B 287 -17.85 -24.30 25.54
N ILE B 288 -17.54 -23.11 26.05
CA ILE B 288 -18.53 -22.12 26.41
C ILE B 288 -18.79 -21.17 25.23
N ASP B 289 -19.98 -21.28 24.63
CA ASP B 289 -20.42 -20.44 23.51
C ASP B 289 -21.51 -19.49 24.03
N GLY B 290 -21.09 -18.54 24.85
CA GLY B 290 -22.00 -17.58 25.45
C GLY B 290 -22.77 -18.25 26.57
N ALA B 291 -24.05 -18.53 26.32
CA ALA B 291 -24.87 -19.23 27.30
C ALA B 291 -24.93 -20.75 27.06
N LEU B 292 -24.23 -21.27 26.02
CA LEU B 292 -24.27 -22.68 25.65
C LEU B 292 -23.00 -23.39 26.09
N LEU B 293 -23.13 -24.64 26.57
CA LEU B 293 -22.00 -25.40 27.06
C LEU B 293 -21.94 -26.77 26.40
N THR B 294 -20.74 -27.19 25.99
CA THR B 294 -20.52 -28.50 25.37
C THR B 294 -19.27 -29.18 25.93
N LYS B 295 -19.45 -30.31 26.60
CA LYS B 295 -18.40 -31.13 27.19
C LYS B 295 -17.70 -31.94 26.09
N SER B 296 -16.48 -32.39 26.35
CA SER B 296 -15.72 -33.24 25.42
C SER B 296 -14.38 -33.65 26.02
N SER B 297 -13.93 -34.88 25.74
CA SER B 297 -12.63 -35.35 26.26
C SER B 297 -11.49 -34.83 25.40
N GLU B 298 -11.69 -34.78 24.07
CA GLU B 298 -10.67 -34.26 23.15
C GLU B 298 -11.22 -33.05 22.37
N TYR B 299 -10.33 -32.30 21.69
CA TYR B 299 -10.78 -31.14 20.92
C TYR B 299 -9.93 -30.82 19.70
N LYS B 300 -10.57 -30.51 18.55
CA LYS B 300 -9.89 -30.01 17.35
C LYS B 300 -10.78 -28.98 16.66
N GLY B 301 -10.27 -27.77 16.52
CA GLY B 301 -11.01 -26.67 15.90
C GLY B 301 -10.13 -25.49 15.56
N PRO B 302 -10.72 -24.42 14.99
CA PRO B 302 -9.92 -23.23 14.64
C PRO B 302 -9.54 -22.38 15.84
N ILE B 303 -8.37 -22.63 16.42
CA ILE B 303 -7.90 -21.90 17.58
C ILE B 303 -7.06 -20.69 17.16
N THR B 304 -7.17 -19.57 17.89
CA THR B 304 -6.42 -18.36 17.57
C THR B 304 -5.59 -17.86 18.78
N ASP B 305 -6.00 -18.18 20.02
CA ASP B 305 -5.28 -17.80 21.24
C ASP B 305 -5.28 -18.99 22.21
N VAL B 306 -4.17 -19.22 22.93
CA VAL B 306 -4.08 -20.27 23.95
C VAL B 306 -3.35 -19.69 25.15
N PHE B 307 -3.91 -19.86 26.34
CA PHE B 307 -3.32 -19.34 27.57
C PHE B 307 -2.78 -20.49 28.39
N TYR B 308 -1.58 -20.31 28.94
CA TYR B 308 -0.92 -21.33 29.75
C TYR B 308 -0.56 -20.77 31.12
N LYS B 309 -0.40 -21.66 32.13
CA LYS B 309 0.02 -21.22 33.46
C LYS B 309 1.56 -21.12 33.51
N GLU B 310 2.08 -20.24 34.36
CA GLU B 310 3.51 -20.07 34.51
C GLU B 310 3.87 -19.45 35.88
N ASN B 311 5.12 -19.63 36.31
CA ASN B 311 5.68 -19.06 37.51
C ASN B 311 7.09 -18.59 37.09
N SER B 312 7.97 -19.55 36.73
CA SER B 312 9.32 -19.27 36.30
C SER B 312 9.85 -20.42 35.42
N TYR B 313 10.27 -20.10 34.19
CA TYR B 313 10.79 -21.10 33.25
C TYR B 313 12.21 -20.73 32.84
N THR B 314 13.05 -21.74 32.69
CA THR B 314 14.42 -21.57 32.24
C THR B 314 14.73 -22.69 31.25
N THR B 315 15.27 -22.34 30.08
CA THR B 315 15.58 -23.30 29.04
C THR B 315 16.75 -24.23 29.37
N THR B 316 16.68 -25.44 28.82
CA THR B 316 17.76 -26.41 28.94
C THR B 316 18.50 -26.55 27.60
N ILE B 317 18.45 -25.52 26.73
CA ILE B 317 19.09 -25.50 25.42
C ILE B 317 20.50 -24.92 25.52
N LYS B 318 21.49 -25.68 25.04
CA LYS B 318 22.90 -25.25 25.06
C LYS B 318 23.25 -24.52 23.76
N ARG C 6 23.49 -0.28 -66.51
CA ARG C 6 23.11 0.72 -65.52
C ARG C 6 22.55 0.11 -64.20
N THR C 7 23.42 -0.16 -63.19
CA THR C 7 22.96 -0.76 -61.93
C THR C 7 23.52 -0.16 -60.63
N ILE C 8 22.84 -0.42 -59.49
CA ILE C 8 23.30 -0.12 -58.12
C ILE C 8 23.14 -1.40 -57.26
N LYS C 9 23.85 -1.45 -56.12
CA LYS C 9 23.75 -2.58 -55.21
C LYS C 9 23.07 -2.09 -53.94
N VAL C 10 21.96 -2.72 -53.57
CA VAL C 10 21.20 -2.39 -52.37
C VAL C 10 21.05 -3.67 -51.50
N PHE C 11 20.43 -3.57 -50.32
CA PHE C 11 20.12 -4.73 -49.51
C PHE C 11 18.62 -4.90 -49.47
N THR C 12 18.11 -6.12 -49.63
CA THR C 12 16.66 -6.37 -49.50
C THR C 12 16.46 -7.29 -48.31
N THR C 13 15.36 -7.09 -47.59
CA THR C 13 15.01 -7.91 -46.45
C THR C 13 13.52 -8.18 -46.45
N VAL C 14 13.15 -9.40 -46.06
CA VAL C 14 11.76 -9.84 -45.90
C VAL C 14 11.42 -10.05 -44.41
N ASP C 15 12.42 -10.00 -43.49
CA ASP C 15 12.23 -10.25 -42.06
C ASP C 15 12.90 -9.26 -41.11
N ASN C 16 13.57 -8.22 -41.64
CA ASN C 16 14.30 -7.22 -40.85
C ASN C 16 15.47 -7.81 -40.03
N ILE C 17 15.91 -9.04 -40.37
CA ILE C 17 17.02 -9.74 -39.72
C ILE C 17 18.05 -10.19 -40.76
N ASN C 18 17.59 -10.72 -41.88
CA ASN C 18 18.46 -11.19 -42.94
C ASN C 18 18.41 -10.27 -44.13
N LEU C 19 19.59 -9.83 -44.57
CA LEU C 19 19.80 -8.93 -45.68
C LEU C 19 20.41 -9.69 -46.85
N HIS C 20 19.94 -9.41 -48.05
CA HIS C 20 20.45 -10.02 -49.26
C HIS C 20 21.06 -8.91 -50.14
N THR C 21 22.31 -9.06 -50.63
CA THR C 21 22.89 -8.03 -51.50
C THR C 21 22.31 -8.20 -52.91
N GLN C 22 21.53 -7.19 -53.33
CA GLN C 22 20.80 -7.16 -54.59
C GLN C 22 21.37 -6.20 -55.60
N VAL C 23 21.52 -6.66 -56.86
CA VAL C 23 21.93 -5.74 -57.91
C VAL C 23 20.64 -5.29 -58.61
N VAL C 24 20.33 -3.99 -58.58
CA VAL C 24 19.07 -3.49 -59.16
C VAL C 24 19.33 -2.71 -60.44
N ASP C 25 18.47 -2.89 -61.45
CA ASP C 25 18.59 -2.19 -62.72
C ASP C 25 17.92 -0.83 -62.55
N MET C 26 18.63 0.24 -62.88
CA MET C 26 18.13 1.59 -62.67
C MET C 26 17.07 2.05 -63.68
N SER C 27 16.89 1.30 -64.77
CA SER C 27 15.88 1.66 -65.77
C SER C 27 14.47 1.11 -65.47
N MET C 28 14.33 0.29 -64.44
CA MET C 28 13.04 -0.28 -64.06
C MET C 28 12.71 0.12 -62.62
N THR C 29 11.44 0.21 -62.28
CA THR C 29 11.03 0.53 -60.91
C THR C 29 11.28 -0.67 -59.97
N TYR C 30 11.28 -0.43 -58.65
CA TYR C 30 11.47 -1.51 -57.67
C TYR C 30 10.37 -2.57 -57.79
N GLY C 31 9.15 -2.13 -58.08
CA GLY C 31 8.00 -3.00 -58.23
C GLY C 31 8.12 -4.02 -59.34
N GLN C 32 8.67 -3.63 -60.50
CA GLN C 32 8.81 -4.60 -61.59
C GLN C 32 9.99 -5.57 -61.40
N GLN C 33 10.85 -5.34 -60.39
CA GLN C 33 11.96 -6.23 -60.11
C GLN C 33 11.75 -7.06 -58.85
N PHE C 34 11.09 -6.51 -57.82
CA PHE C 34 10.90 -7.21 -56.54
C PHE C 34 9.47 -7.32 -56.04
N GLY C 35 8.54 -6.63 -56.70
CA GLY C 35 7.18 -6.55 -56.20
C GLY C 35 7.08 -5.40 -55.23
N PRO C 36 6.15 -5.44 -54.26
CA PRO C 36 6.04 -4.30 -53.32
C PRO C 36 7.31 -4.06 -52.49
N THR C 37 8.03 -2.96 -52.79
CA THR C 37 9.29 -2.58 -52.14
C THR C 37 9.11 -1.29 -51.33
N TYR C 38 9.71 -1.20 -50.15
CA TYR C 38 9.57 -0.05 -49.27
C TYR C 38 10.92 0.41 -48.69
N LEU C 39 11.12 1.72 -48.50
CA LEU C 39 12.37 2.26 -47.96
C LEU C 39 12.12 3.34 -46.91
N ASP C 40 12.63 3.13 -45.69
CA ASP C 40 12.56 4.08 -44.58
C ASP C 40 11.19 4.71 -44.32
N GLY C 41 10.12 3.93 -44.53
CA GLY C 41 8.78 4.43 -44.29
C GLY C 41 8.04 4.93 -45.52
N ALA C 42 8.62 4.76 -46.71
CA ALA C 42 8.03 5.19 -47.98
C ALA C 42 7.81 3.99 -48.91
N ASP C 43 6.80 4.06 -49.77
CA ASP C 43 6.53 3.01 -50.75
C ASP C 43 7.33 3.35 -52.01
N VAL C 44 8.35 2.54 -52.31
CA VAL C 44 9.18 2.81 -53.48
C VAL C 44 8.83 1.88 -54.67
N THR C 45 7.68 1.19 -54.62
CA THR C 45 7.25 0.26 -55.66
C THR C 45 7.21 0.89 -57.04
N LYS C 46 6.52 2.03 -57.19
CA LYS C 46 6.41 2.69 -58.49
C LYS C 46 7.54 3.70 -58.79
N ILE C 47 8.64 3.63 -58.04
CA ILE C 47 9.78 4.53 -58.15
C ILE C 47 11.00 3.86 -58.79
N LYS C 48 11.73 4.55 -59.65
CA LYS C 48 12.96 4.00 -60.24
C LYS C 48 14.14 4.26 -59.28
N PRO C 49 15.14 3.37 -59.26
CA PRO C 49 16.27 3.57 -58.33
C PRO C 49 17.06 4.85 -58.50
N HIS C 50 17.34 5.54 -57.38
CA HIS C 50 18.17 6.75 -57.31
C HIS C 50 19.60 6.32 -57.03
N ASN C 51 20.59 7.16 -57.39
CA ASN C 51 22.00 6.85 -57.10
C ASN C 51 22.24 6.78 -55.58
N SER C 52 21.50 7.58 -54.80
CA SER C 52 21.58 7.62 -53.34
C SER C 52 21.08 6.34 -52.67
N HIS C 53 20.27 5.53 -53.36
CA HIS C 53 19.75 4.29 -52.78
C HIS C 53 20.83 3.22 -52.59
N GLU C 54 22.04 3.41 -53.15
CA GLU C 54 23.13 2.43 -53.02
C GLU C 54 23.47 2.17 -51.57
N GLY C 55 23.52 0.89 -51.20
CA GLY C 55 23.85 0.48 -49.85
C GLY C 55 22.72 0.57 -48.85
N LYS C 56 21.55 1.06 -49.26
CA LYS C 56 20.40 1.14 -48.36
C LYS C 56 19.63 -0.17 -48.26
N THR C 57 18.88 -0.35 -47.16
CA THR C 57 18.10 -1.57 -46.93
C THR C 57 16.63 -1.32 -47.22
N PHE C 58 16.07 -2.12 -48.12
CA PHE C 58 14.70 -2.09 -48.60
C PHE C 58 13.92 -3.26 -48.05
N TYR C 59 12.67 -3.04 -47.65
CA TYR C 59 11.84 -4.13 -47.15
C TYR C 59 10.93 -4.57 -48.26
N VAL C 60 10.92 -5.87 -48.56
CA VAL C 60 10.06 -6.40 -49.60
C VAL C 60 8.87 -7.12 -48.95
N LEU C 61 7.65 -6.80 -49.37
CA LEU C 61 6.46 -7.37 -48.77
C LEU C 61 5.43 -7.66 -49.84
N PRO C 62 5.42 -8.88 -50.39
CA PRO C 62 4.44 -9.22 -51.42
C PRO C 62 2.98 -9.10 -50.96
N ASN C 63 2.10 -8.68 -51.88
CA ASN C 63 0.66 -8.49 -51.63
C ASN C 63 -0.05 -9.81 -51.31
N ASP C 64 -0.58 -9.93 -50.08
CA ASP C 64 -1.28 -11.11 -49.58
C ASP C 64 -2.61 -10.69 -48.96
N ASP C 65 -3.72 -11.40 -49.26
CA ASP C 65 -5.05 -11.06 -48.74
C ASP C 65 -5.14 -11.15 -47.21
N THR C 66 -4.45 -12.13 -46.60
CA THR C 66 -4.42 -12.31 -45.15
C THR C 66 -3.74 -11.13 -44.45
N LEU C 67 -2.74 -10.50 -45.11
CA LEU C 67 -2.04 -9.34 -44.58
C LEU C 67 -2.97 -8.14 -44.52
N ARG C 68 -3.80 -7.93 -45.56
CA ARG C 68 -4.76 -6.84 -45.60
C ARG C 68 -5.80 -6.94 -44.48
N VAL C 69 -6.29 -8.17 -44.22
CA VAL C 69 -7.26 -8.42 -43.15
C VAL C 69 -6.61 -8.22 -41.79
N GLU C 70 -5.36 -8.70 -41.63
CA GLU C 70 -4.62 -8.55 -40.37
C GLU C 70 -4.35 -7.07 -40.06
N ALA C 71 -3.96 -6.27 -41.06
CA ALA C 71 -3.71 -4.84 -40.85
C ALA C 71 -5.00 -4.04 -40.56
N PHE C 72 -6.16 -4.55 -41.00
CA PHE C 72 -7.43 -3.91 -40.71
C PHE C 72 -7.77 -4.13 -39.24
N GLU C 73 -7.59 -5.36 -38.74
CA GLU C 73 -7.88 -5.74 -37.36
C GLU C 73 -6.87 -5.23 -36.31
N TYR C 74 -5.56 -5.48 -36.51
CA TYR C 74 -4.56 -5.09 -35.51
C TYR C 74 -4.02 -3.68 -35.67
N TYR C 75 -3.90 -3.18 -36.90
CA TYR C 75 -3.32 -1.84 -37.11
C TYR C 75 -4.34 -0.74 -37.38
N HIS C 76 -5.66 -1.08 -37.45
CA HIS C 76 -6.77 -0.15 -37.71
C HIS C 76 -6.48 0.75 -38.90
N THR C 77 -6.15 0.15 -40.03
CA THR C 77 -5.85 0.90 -41.24
C THR C 77 -6.40 0.24 -42.48
N THR C 78 -6.72 1.05 -43.47
CA THR C 78 -7.18 0.54 -44.77
C THR C 78 -6.16 0.80 -45.89
N ASP C 79 -4.99 1.41 -45.57
CA ASP C 79 -3.97 1.72 -46.54
C ASP C 79 -3.16 0.48 -46.81
N PRO C 80 -3.21 -0.05 -48.04
CA PRO C 80 -2.45 -1.27 -48.36
C PRO C 80 -0.94 -1.14 -48.27
N SER C 81 -0.41 0.10 -48.15
CA SER C 81 1.03 0.31 -48.02
C SER C 81 1.50 0.43 -46.55
N PHE C 82 0.56 0.50 -45.58
CA PHE C 82 0.90 0.68 -44.17
C PHE C 82 1.94 -0.33 -43.66
N LEU C 83 1.69 -1.64 -43.78
CA LEU C 83 2.61 -2.65 -43.30
C LEU C 83 4.01 -2.51 -43.83
N GLY C 84 4.14 -2.28 -45.12
CA GLY C 84 5.44 -2.11 -45.75
C GLY C 84 6.15 -0.84 -45.32
N ARG C 85 5.38 0.25 -45.16
CA ARG C 85 5.94 1.52 -44.71
C ARG C 85 6.40 1.39 -43.27
N TYR C 86 5.63 0.68 -42.44
CA TYR C 86 5.95 0.45 -41.04
C TYR C 86 7.21 -0.44 -40.95
N MET C 87 7.21 -1.58 -41.62
CA MET C 87 8.36 -2.51 -41.61
C MET C 87 9.66 -1.88 -42.12
N SER C 88 9.59 -1.05 -43.18
CA SER C 88 10.79 -0.37 -43.69
C SER C 88 11.27 0.72 -42.75
N ALA C 89 10.36 1.41 -42.04
CA ALA C 89 10.78 2.41 -41.05
C ALA C 89 11.40 1.70 -39.85
N LEU C 90 10.82 0.54 -39.45
CA LEU C 90 11.29 -0.27 -38.33
C LEU C 90 12.71 -0.74 -38.52
N ASN C 91 13.11 -1.03 -39.78
CA ASN C 91 14.49 -1.42 -40.07
C ASN C 91 15.48 -0.34 -39.59
N HIS C 92 15.10 0.93 -39.78
CA HIS C 92 15.91 2.07 -39.38
C HIS C 92 15.79 2.38 -37.90
N THR C 93 14.56 2.46 -37.34
CA THR C 93 14.37 2.78 -35.91
C THR C 93 15.02 1.73 -34.99
N LYS C 94 15.14 0.48 -35.46
CA LYS C 94 15.82 -0.55 -34.67
C LYS C 94 17.33 -0.20 -34.50
N LYS C 95 17.92 0.58 -35.45
CA LYS C 95 19.31 1.03 -35.41
C LYS C 95 19.53 2.24 -34.46
N TRP C 96 18.45 2.88 -33.99
CA TRP C 96 18.55 4.00 -33.07
C TRP C 96 18.77 3.52 -31.63
N LYS C 97 19.34 4.38 -30.76
CA LYS C 97 19.55 4.02 -29.36
C LYS C 97 18.43 4.67 -28.52
N TYR C 98 17.89 3.95 -27.52
CA TYR C 98 16.79 4.50 -26.72
C TYR C 98 17.17 4.58 -25.24
N PRO C 99 17.91 5.63 -24.86
CA PRO C 99 18.34 5.72 -23.45
C PRO C 99 17.24 6.12 -22.47
N GLN C 100 17.39 5.69 -21.22
CA GLN C 100 16.47 6.11 -20.17
C GLN C 100 17.02 7.41 -19.61
N VAL C 101 16.47 8.55 -20.04
CA VAL C 101 16.91 9.83 -19.54
C VAL C 101 15.88 10.33 -18.55
N ASN C 102 16.29 10.46 -17.27
CA ASN C 102 15.45 10.93 -16.16
C ASN C 102 14.20 10.07 -15.98
N GLY C 103 14.38 8.75 -16.06
CA GLY C 103 13.30 7.80 -15.91
C GLY C 103 12.37 7.65 -17.09
N LEU C 104 12.55 8.46 -18.14
CA LEU C 104 11.72 8.39 -19.35
C LEU C 104 12.50 7.78 -20.51
N THR C 105 11.83 7.08 -21.42
CA THR C 105 12.49 6.49 -22.59
C THR C 105 12.66 7.60 -23.62
N SER C 106 13.89 7.85 -24.04
CA SER C 106 14.15 8.90 -25.03
C SER C 106 14.81 8.30 -26.31
N ILE C 107 15.17 9.13 -27.31
CA ILE C 107 15.86 8.63 -28.49
C ILE C 107 17.14 9.42 -28.65
N LYS C 108 18.30 8.75 -28.80
CA LYS C 108 19.56 9.45 -29.05
C LYS C 108 19.46 10.10 -30.44
N TRP C 109 19.83 11.40 -30.58
CA TRP C 109 19.69 12.10 -31.86
C TRP C 109 20.33 11.37 -33.02
N ALA C 110 19.53 11.20 -34.08
CA ALA C 110 19.88 10.55 -35.32
C ALA C 110 18.79 10.85 -36.37
N ASP C 111 19.17 11.10 -37.63
CA ASP C 111 18.24 11.27 -38.75
C ASP C 111 17.10 12.26 -38.49
N ASN C 112 17.41 13.40 -37.87
CA ASN C 112 16.45 14.46 -37.57
C ASN C 112 15.26 13.96 -36.75
N ASN C 113 15.50 13.09 -35.73
CA ASN C 113 14.41 12.58 -34.90
C ASN C 113 14.19 13.37 -33.61
N SER C 114 14.36 14.69 -33.65
CA SER C 114 14.13 15.54 -32.50
C SER C 114 12.63 15.55 -32.16
N TYR C 115 11.79 15.64 -33.20
CA TYR C 115 10.34 15.65 -33.02
C TYR C 115 9.80 14.33 -32.50
N LEU C 116 10.43 13.20 -32.90
CA LEU C 116 9.99 11.88 -32.50
C LEU C 116 10.32 11.64 -31.06
N ALA C 117 11.53 12.00 -30.63
CA ALA C 117 11.95 11.85 -29.24
C ALA C 117 11.06 12.70 -28.34
N THR C 118 10.74 13.92 -28.78
CA THR C 118 9.90 14.85 -28.05
C THR C 118 8.45 14.34 -27.92
N ALA C 119 7.91 13.74 -29.00
CA ALA C 119 6.56 13.17 -28.96
C ALA C 119 6.54 11.95 -28.06
N LEU C 120 7.59 11.10 -28.15
CA LEU C 120 7.75 9.89 -27.34
C LEU C 120 7.84 10.24 -25.85
N LEU C 121 8.58 11.30 -25.52
CA LEU C 121 8.73 11.76 -24.14
C LEU C 121 7.41 12.29 -23.58
N THR C 122 6.67 13.02 -24.40
CA THR C 122 5.38 13.59 -24.04
C THR C 122 4.36 12.47 -23.81
N LEU C 123 4.32 11.47 -24.71
CA LEU C 123 3.38 10.35 -24.60
C LEU C 123 3.52 9.56 -23.32
N GLN C 124 4.69 9.59 -22.69
CA GLN C 124 4.88 8.92 -21.41
C GLN C 124 4.38 9.72 -20.21
N GLN C 125 3.98 10.97 -20.41
CA GLN C 125 3.52 11.83 -19.33
C GLN C 125 2.04 12.20 -19.38
N ILE C 126 1.29 11.65 -20.34
CA ILE C 126 -0.14 11.94 -20.45
C ILE C 126 -0.96 10.66 -20.45
N GLU C 127 -2.13 10.69 -19.79
CA GLU C 127 -3.06 9.57 -19.70
C GLU C 127 -3.68 9.35 -21.09
N LEU C 128 -3.30 8.25 -21.75
CA LEU C 128 -3.79 8.00 -23.11
C LEU C 128 -3.96 6.50 -23.36
N LYS C 129 -4.98 6.13 -24.12
CA LYS C 129 -5.22 4.73 -24.48
C LYS C 129 -5.47 4.70 -25.99
N PHE C 130 -4.66 3.93 -26.73
CA PHE C 130 -4.78 3.80 -28.18
C PHE C 130 -5.77 2.71 -28.58
N ASN C 131 -6.53 2.97 -29.64
CA ASN C 131 -7.52 2.01 -30.12
C ASN C 131 -6.91 0.86 -30.94
N PRO C 132 -5.96 1.08 -31.90
CA PRO C 132 -5.42 -0.08 -32.64
C PRO C 132 -4.63 -1.00 -31.71
N PRO C 133 -5.01 -2.29 -31.66
CA PRO C 133 -4.33 -3.21 -30.74
C PRO C 133 -2.81 -3.23 -30.85
N ALA C 134 -2.26 -3.25 -32.07
CA ALA C 134 -0.81 -3.27 -32.25
C ALA C 134 -0.13 -1.96 -31.85
N LEU C 135 -0.86 -0.83 -31.92
CA LEU C 135 -0.33 0.47 -31.51
C LEU C 135 -0.31 0.57 -29.99
N GLN C 136 -1.35 0.03 -29.32
CA GLN C 136 -1.39 0.02 -27.87
C GLN C 136 -0.32 -0.90 -27.32
N ASP C 137 -0.07 -2.04 -27.98
CA ASP C 137 0.97 -2.96 -27.54
C ASP C 137 2.34 -2.29 -27.67
N ALA C 138 2.57 -1.61 -28.80
CA ALA C 138 3.82 -0.90 -29.04
C ALA C 138 4.01 0.21 -28.03
N TYR C 139 2.92 0.88 -27.62
CA TYR C 139 2.94 1.94 -26.62
C TYR C 139 3.38 1.39 -25.26
N TYR C 140 2.83 0.23 -24.85
CA TYR C 140 3.20 -0.40 -23.60
C TYR C 140 4.69 -0.78 -23.60
N ARG C 141 5.18 -1.32 -24.73
CA ARG C 141 6.57 -1.71 -24.83
C ARG C 141 7.50 -0.49 -24.84
N ALA C 142 7.08 0.61 -25.46
CA ALA C 142 7.89 1.82 -25.52
C ALA C 142 8.09 2.41 -24.12
N ARG C 143 7.02 2.45 -23.30
CA ARG C 143 7.09 2.94 -21.93
C ARG C 143 8.09 2.10 -21.07
N ALA C 144 8.26 0.83 -21.42
CA ALA C 144 9.17 -0.10 -20.76
C ALA C 144 10.60 -0.07 -21.32
N GLY C 145 10.87 0.77 -22.32
CA GLY C 145 12.21 0.87 -22.90
C GLY C 145 12.37 0.47 -24.35
N GLU C 146 11.66 -0.58 -24.80
CA GLU C 146 11.76 -1.06 -26.19
C GLU C 146 10.84 -0.21 -27.09
N ALA C 147 11.33 0.95 -27.55
CA ALA C 147 10.50 1.90 -28.29
C ALA C 147 10.68 1.93 -29.80
N ALA C 148 11.52 1.06 -30.37
CA ALA C 148 11.75 1.08 -31.82
C ALA C 148 10.49 0.83 -32.63
N ASN C 149 9.68 -0.09 -32.14
CA ASN C 149 8.44 -0.48 -32.76
C ASN C 149 7.43 0.68 -32.75
N PHE C 150 7.32 1.37 -31.61
CA PHE C 150 6.41 2.49 -31.44
C PHE C 150 6.77 3.63 -32.36
N CYS C 151 8.07 3.95 -32.48
CA CYS C 151 8.52 5.05 -33.35
C CYS C 151 8.28 4.76 -34.82
N ALA C 152 8.44 3.50 -35.22
CA ALA C 152 8.17 3.05 -36.57
C ALA C 152 6.67 3.21 -36.88
N LEU C 153 5.80 2.89 -35.91
CA LEU C 153 4.36 3.06 -36.05
C LEU C 153 3.99 4.52 -36.08
N ILE C 154 4.67 5.37 -35.28
CA ILE C 154 4.40 6.81 -35.31
C ILE C 154 4.67 7.36 -36.71
N LEU C 155 5.81 6.97 -37.32
CA LEU C 155 6.18 7.38 -38.67
C LEU C 155 5.14 6.87 -39.68
N ALA C 156 4.70 5.61 -39.52
CA ALA C 156 3.69 5.01 -40.39
C ALA C 156 2.31 5.71 -40.32
N TYR C 157 1.79 5.97 -39.11
CA TYR C 157 0.51 6.65 -38.96
C TYR C 157 0.58 8.10 -39.41
N CYS C 158 1.75 8.73 -39.33
CA CYS C 158 1.91 10.12 -39.78
C CYS C 158 2.27 10.24 -41.26
N ASN C 159 2.50 9.12 -41.97
CA ASN C 159 2.89 9.11 -43.38
C ASN C 159 4.23 9.84 -43.57
N LYS C 160 5.14 9.67 -42.61
CA LYS C 160 6.45 10.32 -42.61
C LYS C 160 7.55 9.30 -42.90
N THR C 161 8.71 9.76 -43.37
CA THR C 161 9.84 8.88 -43.63
C THR C 161 11.00 9.17 -42.65
N VAL C 162 11.89 8.19 -42.46
CA VAL C 162 13.04 8.38 -41.58
C VAL C 162 13.98 9.40 -42.20
N GLY C 163 14.32 10.44 -41.45
CA GLY C 163 15.18 11.52 -41.94
C GLY C 163 14.42 12.79 -42.22
N GLU C 164 13.14 12.67 -42.55
CA GLU C 164 12.28 13.79 -42.83
C GLU C 164 11.91 14.45 -41.48
N LEU C 165 12.11 15.77 -41.36
CA LEU C 165 11.76 16.47 -40.13
C LEU C 165 10.24 16.53 -39.98
N GLY C 166 9.77 16.61 -38.74
CA GLY C 166 8.35 16.62 -38.45
C GLY C 166 7.96 17.61 -37.38
N ASP C 167 6.66 17.85 -37.28
CA ASP C 167 6.08 18.77 -36.32
C ASP C 167 5.51 17.94 -35.19
N VAL C 168 5.83 18.30 -33.94
CA VAL C 168 5.32 17.56 -32.78
C VAL C 168 3.80 17.70 -32.68
N ARG C 169 3.26 18.91 -32.87
CA ARG C 169 1.81 19.14 -32.81
C ARG C 169 1.07 18.31 -33.86
N GLU C 170 1.58 18.29 -35.11
CA GLU C 170 0.97 17.50 -36.17
C GLU C 170 1.06 16.01 -35.86
N THR C 171 2.20 15.55 -35.31
CA THR C 171 2.40 14.17 -34.91
C THR C 171 1.38 13.80 -33.83
N MET C 172 1.22 14.66 -32.81
CA MET C 172 0.24 14.44 -31.74
C MET C 172 -1.17 14.37 -32.32
N SER C 173 -1.52 15.31 -33.21
CA SER C 173 -2.82 15.32 -33.90
C SER C 173 -3.14 13.99 -34.59
N TYR C 174 -2.14 13.43 -35.31
CA TYR C 174 -2.29 12.15 -36.00
C TYR C 174 -2.47 11.00 -35.00
N LEU C 175 -1.67 10.98 -33.93
CA LEU C 175 -1.73 9.92 -32.94
C LEU C 175 -3.00 9.95 -32.13
N PHE C 176 -3.52 11.15 -31.82
CA PHE C 176 -4.76 11.31 -31.07
C PHE C 176 -5.96 10.78 -31.86
N GLN C 177 -5.90 10.78 -33.21
CA GLN C 177 -6.98 10.22 -34.04
C GLN C 177 -7.14 8.70 -33.88
N HIS C 178 -6.17 8.02 -33.21
CA HIS C 178 -6.19 6.58 -32.97
C HIS C 178 -6.32 6.23 -31.47
N GLY C 204 -13.69 15.08 -29.16
CA GLY C 204 -12.53 14.26 -29.52
C GLY C 204 -11.19 14.98 -29.47
N VAL C 205 -10.45 14.94 -30.60
CA VAL C 205 -9.13 15.58 -30.70
C VAL C 205 -9.24 17.11 -30.64
N GLU C 206 -10.32 17.67 -31.20
CA GLU C 206 -10.57 19.12 -31.16
C GLU C 206 -10.79 19.65 -29.74
N ALA C 207 -11.16 18.76 -28.80
CA ALA C 207 -11.39 19.15 -27.40
C ALA C 207 -10.09 19.21 -26.58
N VAL C 208 -8.99 18.58 -27.04
CA VAL C 208 -7.75 18.60 -26.26
C VAL C 208 -6.64 19.45 -26.89
N MET C 209 -6.77 19.86 -28.15
CA MET C 209 -5.75 20.66 -28.82
C MET C 209 -6.25 22.04 -29.16
N TYR C 210 -5.43 23.08 -28.94
CA TYR C 210 -5.77 24.46 -29.29
C TYR C 210 -4.54 25.16 -29.86
N MET C 211 -4.71 26.03 -30.85
CA MET C 211 -3.58 26.74 -31.45
C MET C 211 -3.70 28.22 -31.18
N PRO C 243 -8.34 14.26 -19.64
CA PRO C 243 -7.25 14.02 -18.66
C PRO C 243 -6.04 14.95 -18.80
N PHE C 244 -5.95 15.67 -19.92
CA PHE C 244 -4.87 16.60 -20.22
C PHE C 244 -5.33 17.60 -21.30
N VAL C 245 -4.59 18.70 -21.46
CA VAL C 245 -4.82 19.68 -22.53
C VAL C 245 -3.49 20.02 -23.21
N MET C 246 -3.54 20.35 -24.50
CA MET C 246 -2.36 20.70 -25.26
C MET C 246 -2.56 22.07 -25.88
N MET C 247 -1.71 23.03 -25.54
CA MET C 247 -1.81 24.38 -26.09
C MET C 247 -0.62 24.71 -26.99
N SER C 248 -0.88 24.91 -28.28
CA SER C 248 0.14 25.21 -29.27
C SER C 248 0.12 26.67 -29.71
N ALA C 249 1.27 27.19 -30.15
CA ALA C 249 1.46 28.56 -30.65
C ALA C 249 2.80 28.60 -31.37
N PRO C 250 2.94 29.33 -32.49
CA PRO C 250 4.24 29.40 -33.18
C PRO C 250 5.38 29.78 -32.23
N PRO C 251 6.56 29.16 -32.38
CA PRO C 251 7.66 29.40 -31.43
C PRO C 251 7.92 30.84 -31.01
N ALA C 252 7.97 31.05 -29.69
CA ALA C 252 8.23 32.34 -29.07
C ALA C 252 8.81 32.16 -27.67
N GLN C 253 9.53 33.17 -27.16
CA GLN C 253 10.14 33.11 -25.84
C GLN C 253 9.09 33.07 -24.71
N TYR C 254 8.69 31.85 -24.29
CA TYR C 254 7.71 31.70 -23.23
C TYR C 254 8.39 31.45 -21.92
N LYS C 257 7.21 28.33 -15.72
CA LYS C 257 7.18 28.28 -14.28
C LYS C 257 6.98 26.86 -13.79
N HIS C 258 7.89 26.45 -12.91
CA HIS C 258 7.95 25.16 -12.22
C HIS C 258 6.59 24.81 -11.60
N GLY C 259 6.03 23.67 -11.97
CA GLY C 259 4.77 23.20 -11.41
C GLY C 259 3.51 23.76 -12.04
N CYS C 263 4.63 19.17 -19.22
CA CYS C 263 5.79 19.10 -20.12
C CYS C 263 5.58 20.05 -21.31
N ALA C 264 6.66 20.40 -22.02
CA ALA C 264 6.59 21.32 -23.15
C ALA C 264 7.66 21.04 -24.22
N SER C 265 7.50 21.57 -25.45
CA SER C 265 8.52 21.40 -26.49
C SER C 265 9.19 22.73 -26.83
N GLU C 266 10.51 22.72 -26.98
CA GLU C 266 11.29 23.91 -27.30
C GLU C 266 11.90 23.78 -28.71
N TYR C 267 11.28 24.40 -29.72
CA TYR C 267 11.81 24.35 -31.09
C TYR C 267 12.73 25.54 -31.30
N THR C 268 13.95 25.28 -31.76
CA THR C 268 14.95 26.30 -31.95
C THR C 268 15.49 26.28 -33.36
N GLY C 269 15.18 27.31 -34.13
CA GLY C 269 15.63 27.39 -35.52
C GLY C 269 14.55 27.86 -36.46
N ASN C 270 14.81 27.80 -37.78
CA ASN C 270 13.85 28.25 -38.78
C ASN C 270 12.65 27.31 -38.94
N TYR C 271 11.59 27.75 -39.65
CA TYR C 271 10.41 26.93 -39.90
C TYR C 271 10.83 25.75 -40.75
N GLN C 272 10.60 24.53 -40.25
CA GLN C 272 10.93 23.26 -40.89
C GLN C 272 12.44 22.97 -40.94
N CYS C 273 13.26 23.65 -40.11
CA CYS C 273 14.70 23.39 -40.06
C CYS C 273 15.32 23.70 -38.69
N GLY C 274 14.53 23.51 -37.65
CA GLY C 274 14.98 23.75 -36.28
C GLY C 274 15.32 22.48 -35.53
N HIS C 275 15.42 22.58 -34.20
CA HIS C 275 15.74 21.46 -33.35
C HIS C 275 14.85 21.52 -32.13
N TYR C 276 14.17 20.41 -31.81
CA TYR C 276 13.26 20.27 -30.68
C TYR C 276 13.97 19.73 -29.44
N LYS C 277 13.65 20.30 -28.30
CA LYS C 277 14.09 19.84 -26.99
C LYS C 277 12.82 19.62 -26.16
N HIS C 278 12.88 18.72 -25.16
CA HIS C 278 11.71 18.44 -24.33
C HIS C 278 11.91 18.96 -22.92
N ILE C 279 11.05 19.88 -22.45
CA ILE C 279 11.15 20.40 -21.09
C ILE C 279 10.11 19.69 -20.23
N THR C 280 10.50 19.14 -19.08
CA THR C 280 9.54 18.46 -18.21
C THR C 280 9.64 18.99 -16.78
N SER C 281 8.50 19.17 -16.10
CA SER C 281 8.50 19.66 -14.72
C SER C 281 8.40 18.51 -13.71
N LYS C 282 9.55 18.11 -13.13
CA LYS C 282 9.60 17.06 -12.11
C LYS C 282 9.80 17.78 -10.75
N GLU C 283 10.79 17.40 -9.91
CA GLU C 283 11.07 18.14 -8.67
C GLU C 283 11.71 19.54 -8.97
N THR C 284 12.16 19.74 -10.23
CA THR C 284 12.76 20.90 -10.85
C THR C 284 12.57 20.74 -12.38
N LEU C 285 12.88 21.78 -13.17
CA LEU C 285 12.75 21.70 -14.62
C LEU C 285 13.91 20.94 -15.27
N TYR C 286 13.59 19.95 -16.11
CA TYR C 286 14.61 19.17 -16.82
C TYR C 286 14.47 19.40 -18.31
N CYS C 287 15.59 19.45 -19.02
CA CYS C 287 15.55 19.60 -20.46
C CYS C 287 16.20 18.40 -21.12
N ILE C 288 15.37 17.53 -21.69
CA ILE C 288 15.85 16.33 -22.36
C ILE C 288 16.05 16.61 -23.85
N ASP C 289 17.31 16.63 -24.29
CA ASP C 289 17.71 16.86 -25.67
C ASP C 289 18.21 15.53 -26.24
N GLY C 290 17.29 14.60 -26.43
CA GLY C 290 17.63 13.27 -26.94
C GLY C 290 18.30 12.47 -25.84
N ALA C 291 19.61 12.29 -25.94
CA ALA C 291 20.36 11.57 -24.90
C ALA C 291 21.02 12.51 -23.88
N LEU C 292 20.80 13.84 -24.00
CA LEU C 292 21.42 14.83 -23.12
C LEU C 292 20.41 15.38 -22.13
N LEU C 293 20.83 15.59 -20.88
CA LEU C 293 19.95 16.09 -19.83
C LEU C 293 20.53 17.34 -19.16
N THR C 294 19.71 18.37 -18.96
CA THR C 294 20.12 19.62 -18.31
C THR C 294 19.09 20.10 -17.28
N LYS C 295 19.49 20.16 -16.02
CA LYS C 295 18.68 20.60 -14.89
C LYS C 295 18.59 22.14 -14.86
N SER C 296 17.57 22.68 -14.21
CA SER C 296 17.41 24.12 -14.06
C SER C 296 16.21 24.46 -13.17
N SER C 297 16.32 25.50 -12.34
CA SER C 297 15.22 25.91 -11.47
C SER C 297 14.20 26.74 -12.24
N GLU C 298 14.68 27.61 -13.14
CA GLU C 298 13.82 28.46 -13.97
C GLU C 298 14.04 28.18 -15.47
N TYR C 299 13.12 28.65 -16.34
CA TYR C 299 13.28 28.43 -17.77
C TYR C 299 12.71 29.53 -18.66
N LYS C 300 13.47 29.95 -19.69
CA LYS C 300 13.01 30.89 -20.70
C LYS C 300 13.64 30.49 -22.03
N GLY C 301 12.79 30.11 -22.98
CA GLY C 301 13.22 29.66 -24.29
C GLY C 301 12.10 29.66 -25.31
N PRO C 302 12.41 29.36 -26.58
CA PRO C 302 11.36 29.35 -27.61
C PRO C 302 10.44 28.14 -27.52
N ILE C 303 9.31 28.28 -26.82
CA ILE C 303 8.36 27.19 -26.66
C ILE C 303 7.28 27.23 -27.74
N THR C 304 6.83 26.05 -28.20
CA THR C 304 5.76 25.93 -29.19
C THR C 304 4.53 25.26 -28.55
N ASP C 305 4.68 24.01 -28.08
CA ASP C 305 3.57 23.29 -27.48
C ASP C 305 3.79 23.09 -25.97
N VAL C 306 2.70 23.17 -25.16
CA VAL C 306 2.72 23.00 -23.69
C VAL C 306 1.55 22.10 -23.28
N PHE C 307 1.82 21.08 -22.46
CA PHE C 307 0.80 20.16 -22.00
C PHE C 307 0.48 20.41 -20.53
N TYR C 308 -0.80 20.37 -20.19
CA TYR C 308 -1.25 20.58 -18.82
C TYR C 308 -2.12 19.41 -18.34
N LYS C 309 -2.21 19.22 -17.01
CA LYS C 309 -3.05 18.17 -16.45
C LYS C 309 -4.51 18.69 -16.29
N GLU C 310 -5.48 17.78 -16.36
CA GLU C 310 -6.89 18.14 -16.24
C GLU C 310 -7.74 16.91 -15.80
N ASN C 311 -8.93 17.12 -15.19
CA ASN C 311 -9.78 16.02 -14.74
C ASN C 311 -11.26 16.33 -14.84
#